data_9RKJ
#
_entry.id   9RKJ
#
_cell.length_a   101.602
_cell.length_b   110.612
_cell.length_c   114.352
_cell.angle_alpha   90.000
_cell.angle_beta   90.000
_cell.angle_gamma   90.000
#
_symmetry.space_group_name_H-M   'P 21 21 21'
#
loop_
_entity.id
_entity.type
_entity.pdbx_description
1 polymer Elongin-B
2 polymer Elongin-C
3 polymer 'von Hippel-Lindau disease tumor suppressor'
4 polymer 'Isoform 2B of GTPase KRas'
5 non-polymer 'CITRATE ANION'
6 non-polymer (2~{S},4~{R})-1-[(2~{S})-2-[[1-[4-[(3~{S})-4-[4-[5-[(4~{S})-2-azanyl-3-cyano-4-methyl-6,7-dihydro-5~{H}-1-benzothiophen-4-yl]-1,2,4-oxadiazol-3-yl]pyrimidin-2-yl]-3-methyl-1,4-diazepan-1-yl]butanoyl]cyclopropyl]carbonylamino]-3,3-dimethyl-butanoyl]-~{N}-[[4-(4-methyl-1,3-thiazol-5-yl)phenyl]methyl]-4-oxidanyl-pyrrolidine-2-carboxamide
7 non-polymer 'PHOSPHOMETHYLPHOSPHONIC ACID GUANYLATE ESTER'
8 non-polymer 'MAGNESIUM ION'
9 non-polymer GLYCEROL
10 water water
#
loop_
_entity_poly.entity_id
_entity_poly.type
_entity_poly.pdbx_seq_one_letter_code
_entity_poly.pdbx_strand_id
1 'polypeptide(L)'
;MDVFLMIRRHKTTIFTDAKESSTVFELKRIVEGILKRPPDEQRLYKDDQLLDDGKTLGECGFTSQTARPQAPATVGLAFR
ADDTFEALCIEPFSSPPELPDVMK
;
A,E
2 'polypeptide(L)'
;MMYVKLISSDGHEFIVKREHALTSGTIKAMLSGPGQFAENETNEVNFREIPSHVLSKVCMYFTYKVRYTNSSTEIPEFPI
APEIALELLMAANFLDC
;
B,F
3 'polypeptide(L)'
;GSMEAGRPRPVLRSVNSREPSQVIFCNRSPRVVLPVWLNFDGEPQPYPTLPPGTGRRIHSYRGHLWLFRDAGTHDGLLVN
QTELFVPSLNVDGQPIFANITLPVYTLKERCLQVVRSLVKPENYRRLDIVRSLYEDLEDHPNVQKDLERLTQERIAHQRM
GD
;
C,G
4 'polypeptide(L)'
;GMTEYKLVVVGARGVGKSALTIQLIQNHFVDEYDPTIEDSYRKQVVIDGETCLLDILDTAGQEEYSAMRDQYMRTGEGFL
CVFAINNTKSFEDIHHYREQIKRVKDSEDVPMVLVGNKCDLPSRTVDTKQAQDLARSYGIPFIETSAKTRQGVDDAFYTL
VREIRKHKEK
;
D,H
#
# COMPACT_ATOMS: atom_id res chain seq x y z
N MET A 1 16.48 7.16 -4.25
CA MET A 1 16.62 5.83 -3.66
C MET A 1 17.95 5.67 -2.93
N ASP A 2 17.88 5.30 -1.65
CA ASP A 2 19.06 5.14 -0.83
C ASP A 2 19.63 3.73 -0.98
N VAL A 3 20.95 3.62 -0.92
CA VAL A 3 21.65 2.35 -0.95
C VAL A 3 22.46 2.22 0.32
N PHE A 4 22.54 1.01 0.87
CA PHE A 4 23.20 0.76 2.14
C PHE A 4 24.37 -0.19 1.90
N LEU A 5 25.55 0.21 2.38
CA LEU A 5 26.79 -0.46 2.02
C LEU A 5 27.58 -0.84 3.28
N MET A 6 28.52 -1.77 3.10
CA MET A 6 29.51 -2.15 4.11
C MET A 6 30.88 -1.94 3.49
N ILE A 7 31.48 -0.78 3.74
CA ILE A 7 32.82 -0.49 3.25
C ILE A 7 33.81 -1.25 4.14
N ARG A 8 34.47 -2.26 3.56
CA ARG A 8 35.27 -3.20 4.33
C ARG A 8 36.72 -3.21 3.86
N ARG A 9 37.64 -3.34 4.82
CA ARG A 9 39.05 -3.57 4.54
C ARG A 9 39.67 -4.26 5.75
N HIS A 10 40.37 -5.37 5.50
CA HIS A 10 40.98 -6.16 6.55
C HIS A 10 39.96 -6.52 7.63
N LYS A 11 40.16 -6.02 8.84
CA LYS A 11 39.25 -6.26 9.96
C LYS A 11 38.39 -5.05 10.29
N THR A 12 38.20 -4.14 9.35
CA THR A 12 37.37 -2.96 9.54
C THR A 12 36.16 -3.03 8.63
N THR A 13 35.01 -2.56 9.14
CA THR A 13 33.76 -2.59 8.38
C THR A 13 32.95 -1.36 8.77
N ILE A 14 32.62 -0.53 7.77
CA ILE A 14 31.89 0.71 7.99
C ILE A 14 30.45 0.51 7.55
N PHE A 15 29.50 0.91 8.39
CA PHE A 15 28.08 0.87 8.06
C PHE A 15 27.64 2.30 7.74
N THR A 16 27.33 2.55 6.47
CA THR A 16 26.89 3.87 6.04
C THR A 16 25.94 3.71 4.86
N ASP A 17 25.22 4.79 4.56
CA ASP A 17 24.29 4.84 3.45
C ASP A 17 24.74 5.90 2.45
N ALA A 18 24.12 5.86 1.28
CA ALA A 18 24.40 6.84 0.23
C ALA A 18 23.26 6.80 -0.77
N LYS A 19 23.31 7.71 -1.74
CA LYS A 19 22.35 7.73 -2.83
C LYS A 19 22.91 6.96 -4.03
N GLU A 20 22.05 6.21 -4.70
CA GLU A 20 22.47 5.46 -5.88
C GLU A 20 23.05 6.37 -6.95
N SER A 21 22.69 7.66 -6.94
CA SER A 21 23.21 8.64 -7.88
C SER A 21 24.50 9.29 -7.40
N SER A 22 24.97 8.95 -6.21
CA SER A 22 26.21 9.53 -5.69
C SER A 22 27.42 8.93 -6.39
N THR A 23 28.52 9.68 -6.38
CA THR A 23 29.73 9.27 -7.07
C THR A 23 30.60 8.40 -6.18
N VAL A 24 31.41 7.54 -6.81
CA VAL A 24 32.36 6.73 -6.06
C VAL A 24 33.38 7.63 -5.37
N PHE A 25 33.78 8.71 -6.04
CA PHE A 25 34.68 9.68 -5.40
C PHE A 25 34.03 10.31 -4.18
N GLU A 26 32.71 10.55 -4.26
CA GLU A 26 31.99 11.06 -3.10
C GLU A 26 32.01 10.05 -1.96
N LEU A 27 31.91 8.76 -2.29
CA LEU A 27 31.99 7.72 -1.26
C LEU A 27 33.38 7.66 -0.65
N LYS A 28 34.41 7.86 -1.47
CA LYS A 28 35.78 7.95 -0.95
C LYS A 28 35.93 9.15 -0.02
N ARG A 29 35.20 10.23 -0.29
CA ARG A 29 35.22 11.38 0.61
C ARG A 29 34.53 11.07 1.93
N ILE A 30 33.57 10.15 1.93
CA ILE A 30 32.95 9.73 3.17
C ILE A 30 33.93 8.91 4.00
N VAL A 31 34.69 8.02 3.34
CA VAL A 31 35.73 7.26 4.02
C VAL A 31 36.80 8.20 4.57
N GLU A 32 37.02 9.34 3.91
CA GLU A 32 38.01 10.30 4.40
C GLU A 32 37.59 10.88 5.75
N GLY A 33 36.31 11.21 5.91
CA GLY A 33 35.83 11.74 7.18
C GLY A 33 35.76 10.73 8.29
N ILE A 34 35.96 9.45 8.00
CA ILE A 34 35.85 8.38 8.99
C ILE A 34 37.22 7.82 9.35
N LEU A 35 38.00 7.41 8.35
CA LEU A 35 39.29 6.79 8.58
C LEU A 35 40.47 7.74 8.42
N LYS A 36 40.20 9.00 8.08
CA LYS A 36 41.22 10.05 7.96
C LYS A 36 42.30 9.65 6.94
N ARG A 37 41.86 9.35 5.72
CA ARG A 37 42.73 9.04 4.61
C ARG A 37 42.17 9.67 3.35
N PRO A 38 43.00 10.32 2.55
CA PRO A 38 42.49 11.06 1.38
C PRO A 38 42.04 10.12 0.28
N PRO A 39 41.18 10.59 -0.62
CA PRO A 39 40.76 9.74 -1.75
C PRO A 39 41.89 9.40 -2.71
N ASP A 40 42.99 10.16 -2.69
CA ASP A 40 44.15 9.81 -3.53
C ASP A 40 44.80 8.52 -3.08
N GLU A 41 44.61 8.11 -1.82
CA GLU A 41 45.17 6.87 -1.30
C GLU A 41 44.10 5.81 -1.08
N GLN A 42 42.97 5.91 -1.77
CA GLN A 42 41.87 4.97 -1.63
C GLN A 42 41.56 4.33 -2.98
N ARG A 43 41.20 3.05 -2.94
CA ARG A 43 40.74 2.33 -4.13
C ARG A 43 39.51 1.51 -3.74
N LEU A 44 38.35 1.90 -4.25
CA LEU A 44 37.11 1.23 -3.93
C LEU A 44 36.81 0.14 -4.97
N TYR A 45 36.44 -1.04 -4.49
CA TYR A 45 36.14 -2.19 -5.33
C TYR A 45 34.74 -2.70 -5.04
N LYS A 46 34.12 -3.28 -6.06
CA LYS A 46 32.93 -4.12 -5.90
C LYS A 46 33.39 -5.55 -6.13
N ASP A 47 33.44 -6.34 -5.05
CA ASP A 47 34.04 -7.66 -5.07
C ASP A 47 35.51 -7.56 -5.47
N ASP A 48 35.84 -7.89 -6.73
CA ASP A 48 37.21 -7.85 -7.21
C ASP A 48 37.42 -6.91 -8.37
N GLN A 49 36.42 -6.08 -8.72
CA GLN A 49 36.51 -5.15 -9.82
C GLN A 49 36.68 -3.73 -9.30
N LEU A 50 37.69 -3.03 -9.81
CA LEU A 50 37.97 -1.67 -9.36
C LEU A 50 36.90 -0.70 -9.83
N LEU A 51 36.50 0.19 -8.94
CA LEU A 51 35.43 1.16 -9.20
C LEU A 51 36.04 2.51 -9.57
N ASP A 52 35.60 3.05 -10.70
CA ASP A 52 36.08 4.35 -11.16
C ASP A 52 35.50 5.48 -10.33
N ASP A 53 36.32 6.52 -10.08
CA ASP A 53 35.91 7.70 -9.32
C ASP A 53 34.90 8.57 -10.07
N GLY A 54 34.40 8.18 -11.24
CA GLY A 54 33.50 9.01 -11.99
C GLY A 54 32.13 8.41 -12.18
N LYS A 55 32.04 7.08 -12.13
CA LYS A 55 30.77 6.39 -12.23
C LYS A 55 30.01 6.47 -10.91
N THR A 56 28.69 6.32 -11.01
CA THR A 56 27.81 6.32 -9.85
C THR A 56 27.75 4.91 -9.25
N LEU A 57 27.41 4.86 -7.96
CA LEU A 57 27.34 3.57 -7.27
C LEU A 57 26.35 2.63 -7.94
N GLY A 58 25.30 3.17 -8.55
CA GLY A 58 24.38 2.33 -9.31
C GLY A 58 25.02 1.78 -10.57
N GLU A 59 25.81 2.60 -11.26
CA GLU A 59 26.53 2.15 -12.45
C GLU A 59 27.60 1.13 -12.13
N CYS A 60 27.94 0.93 -10.86
CA CYS A 60 28.86 -0.11 -10.45
C CYS A 60 28.15 -1.42 -10.09
N GLY A 61 26.86 -1.36 -9.76
CA GLY A 61 26.11 -2.54 -9.40
C GLY A 61 25.47 -2.48 -8.02
N PHE A 62 25.31 -1.27 -7.49
CA PHE A 62 24.72 -1.04 -6.17
C PHE A 62 23.40 -0.31 -6.36
N THR A 63 22.30 -1.06 -6.42
CA THR A 63 20.98 -0.48 -6.60
C THR A 63 20.20 -0.52 -5.30
N SER A 64 18.94 -0.08 -5.36
CA SER A 64 18.11 -0.04 -4.16
C SER A 64 17.67 -1.43 -3.70
N GLN A 65 17.57 -2.39 -4.63
CA GLN A 65 17.11 -3.73 -4.31
C GLN A 65 18.24 -4.71 -4.06
N THR A 66 19.49 -4.31 -4.31
CA THR A 66 20.65 -5.13 -4.02
C THR A 66 21.36 -4.71 -2.74
N ALA A 67 21.02 -3.54 -2.20
CA ALA A 67 21.68 -2.97 -1.04
C ALA A 67 20.62 -2.45 -0.06
N ARG A 68 19.75 -3.35 0.38
CA ARG A 68 18.73 -3.02 1.35
C ARG A 68 19.37 -2.75 2.71
N PRO A 69 18.69 -2.00 3.58
CA PRO A 69 19.29 -1.74 4.91
C PRO A 69 19.47 -3.00 5.74
N GLN A 70 18.54 -3.95 5.66
CA GLN A 70 18.68 -5.21 6.36
C GLN A 70 19.60 -6.19 5.65
N ALA A 71 20.20 -5.80 4.54
CA ALA A 71 21.15 -6.63 3.80
C ALA A 71 22.06 -5.76 2.96
N PRO A 72 22.97 -5.00 3.59
CA PRO A 72 23.79 -4.06 2.81
C PRO A 72 24.81 -4.75 1.93
N ALA A 73 25.20 -4.07 0.86
CA ALA A 73 26.19 -4.58 -0.06
C ALA A 73 27.60 -4.33 0.49
N THR A 74 28.57 -5.04 -0.09
CA THR A 74 29.95 -5.00 0.37
C THR A 74 30.81 -4.27 -0.64
N VAL A 75 31.54 -3.26 -0.17
CA VAL A 75 32.47 -2.50 -1.00
C VAL A 75 33.87 -2.71 -0.44
N GLY A 76 34.80 -3.13 -1.30
CA GLY A 76 36.18 -3.31 -0.88
C GLY A 76 36.95 -2.01 -0.89
N LEU A 77 37.94 -1.93 0.01
CA LEU A 77 38.77 -0.74 0.15
C LEU A 77 40.23 -1.15 0.25
N ALA A 78 41.10 -0.40 -0.41
CA ALA A 78 42.54 -0.65 -0.37
C ALA A 78 43.28 0.68 -0.24
N PHE A 79 44.30 0.68 0.62
CA PHE A 79 45.07 1.87 0.94
C PHE A 79 46.48 1.78 0.35
N ARG A 80 47.11 2.94 0.22
CA ARG A 80 48.47 3.02 -0.32
C ARG A 80 49.50 2.64 0.75
N THR A 84 52.56 3.42 -3.54
CA THR A 84 52.10 2.16 -4.07
C THR A 84 50.88 1.67 -3.29
N PHE A 85 49.86 1.21 -4.01
CA PHE A 85 48.67 0.65 -3.39
C PHE A 85 48.91 -0.79 -2.92
N GLU A 86 48.00 -1.27 -2.08
CA GLU A 86 48.04 -2.63 -1.56
C GLU A 86 46.98 -3.49 -2.25
N ALA A 87 47.15 -4.80 -2.14
CA ALA A 87 46.17 -5.74 -2.67
C ALA A 87 44.93 -5.78 -1.79
N LEU A 88 43.76 -5.76 -2.41
CA LEU A 88 42.50 -5.79 -1.67
C LEU A 88 42.40 -7.04 -0.81
N CYS A 89 42.44 -6.85 0.51
CA CYS A 89 42.33 -7.96 1.47
C CYS A 89 41.19 -7.66 2.43
N ILE A 90 40.17 -8.50 2.44
CA ILE A 90 39.04 -8.37 3.34
C ILE A 90 39.02 -9.64 4.19
N GLU A 91 39.45 -9.50 5.45
CA GLU A 91 39.41 -10.62 6.39
C GLU A 91 37.96 -11.06 6.58
N PRO A 92 37.68 -12.36 6.64
CA PRO A 92 36.30 -12.82 6.75
C PRO A 92 35.80 -12.88 8.18
N PHE A 93 34.47 -12.75 8.32
CA PHE A 93 33.82 -12.83 9.61
C PHE A 93 33.84 -14.28 10.13
N SER A 94 33.45 -14.43 11.39
CA SER A 94 33.42 -15.75 12.01
C SER A 94 32.29 -16.59 11.41
N SER A 95 32.26 -17.87 11.80
CA SER A 95 31.25 -18.79 11.30
C SER A 95 30.35 -19.27 12.43
N PRO A 96 29.04 -19.33 12.19
CA PRO A 96 28.12 -19.84 13.21
C PRO A 96 28.32 -21.34 13.41
N PRO A 97 27.93 -21.87 14.56
CA PRO A 97 28.10 -23.31 14.81
C PRO A 97 27.14 -24.13 13.97
N GLU A 98 27.33 -25.45 14.03
CA GLU A 98 26.45 -26.38 13.34
C GLU A 98 25.01 -26.19 13.84
N LEU A 99 24.09 -26.06 12.88
CA LEU A 99 22.69 -25.85 13.23
C LEU A 99 22.20 -26.98 14.13
N PRO A 100 21.58 -26.67 15.28
CA PRO A 100 21.18 -27.72 16.21
C PRO A 100 20.22 -28.71 15.58
N ASP A 101 20.32 -29.96 16.03
CA ASP A 101 19.40 -31.00 15.55
C ASP A 101 17.95 -30.67 15.86
N VAL A 102 17.70 -29.82 16.85
CA VAL A 102 16.33 -29.46 17.23
C VAL A 102 15.68 -28.54 16.20
N MET A 103 16.47 -27.69 15.54
CA MET A 103 15.92 -26.71 14.61
C MET A 103 15.81 -27.24 13.18
N LYS A 104 15.70 -28.55 13.00
CA LYS A 104 15.59 -29.12 11.66
C LYS A 104 14.27 -29.85 11.49
N MET B 2 28.82 11.64 13.03
CA MET B 2 29.29 11.08 14.29
C MET B 2 29.20 9.55 14.27
N TYR B 3 30.36 8.90 14.35
CA TYR B 3 30.44 7.45 14.31
C TYR B 3 31.08 6.92 15.59
N VAL B 4 30.91 5.61 15.81
CA VAL B 4 31.54 4.90 16.91
C VAL B 4 32.11 3.59 16.38
N LYS B 5 33.04 3.03 17.13
CA LYS B 5 33.71 1.78 16.75
C LYS B 5 33.27 0.66 17.68
N LEU B 6 32.84 -0.45 17.11
CA LEU B 6 32.39 -1.62 17.85
C LEU B 6 33.29 -2.80 17.48
N ILE B 7 34.10 -3.26 18.43
CA ILE B 7 35.05 -4.34 18.20
C ILE B 7 34.46 -5.64 18.72
N SER B 8 34.58 -6.70 17.92
CA SER B 8 34.01 -8.00 18.26
C SER B 8 35.04 -8.83 19.01
N SER B 9 34.73 -10.10 19.26
CA SER B 9 35.64 -10.96 20.01
C SER B 9 36.85 -11.36 19.17
N ASP B 10 36.68 -11.52 17.87
CA ASP B 10 37.77 -11.94 16.99
C ASP B 10 38.48 -10.76 16.33
N GLY B 11 38.25 -9.54 16.81
CA GLY B 11 39.02 -8.40 16.39
C GLY B 11 38.46 -7.60 15.23
N HIS B 12 37.21 -7.80 14.86
CA HIS B 12 36.59 -7.04 13.78
C HIS B 12 35.98 -5.76 14.36
N GLU B 13 36.42 -4.62 13.86
CA GLU B 13 35.94 -3.32 14.31
C GLU B 13 34.88 -2.80 13.33
N PHE B 14 33.71 -2.50 13.85
CA PHE B 14 32.58 -2.01 13.06
C PHE B 14 32.38 -0.53 13.33
N ILE B 15 32.33 0.27 12.27
CA ILE B 15 32.18 1.72 12.38
C ILE B 15 30.75 2.04 11.97
N VAL B 16 29.91 2.33 12.96
CA VAL B 16 28.51 2.68 12.73
C VAL B 16 28.27 4.07 13.29
N LYS B 17 27.24 4.73 12.74
CA LYS B 17 26.87 6.05 13.23
C LYS B 17 26.46 5.98 14.69
N ARG B 18 26.73 7.06 15.42
CA ARG B 18 26.43 7.07 16.85
C ARG B 18 24.94 6.92 17.11
N GLU B 19 24.11 7.62 16.33
CA GLU B 19 22.66 7.48 16.47
C GLU B 19 22.22 6.04 16.27
N HIS B 20 22.84 5.32 15.33
CA HIS B 20 22.49 3.93 15.09
C HIS B 20 22.91 3.05 16.26
N ALA B 21 24.09 3.31 16.83
CA ALA B 21 24.56 2.48 17.94
C ALA B 21 23.72 2.68 19.19
N LEU B 22 23.20 3.88 19.41
CA LEU B 22 22.38 4.17 20.59
C LEU B 22 21.06 3.41 20.59
N THR B 23 20.74 2.67 19.53
CA THR B 23 19.49 1.90 19.51
C THR B 23 19.45 0.87 20.63
N SER B 24 20.60 0.37 21.05
CA SER B 24 20.68 -0.58 22.15
C SER B 24 20.96 0.15 23.45
N GLY B 25 20.32 -0.31 24.53
CA GLY B 25 20.51 0.32 25.82
C GLY B 25 21.88 0.05 26.41
N THR B 26 22.42 -1.14 26.19
CA THR B 26 23.70 -1.51 26.77
C THR B 26 24.83 -0.64 26.21
N ILE B 27 24.83 -0.40 24.90
CA ILE B 27 25.84 0.48 24.32
C ILE B 27 25.61 1.92 24.74
N LYS B 28 24.36 2.31 24.95
CA LYS B 28 24.07 3.68 25.39
C LYS B 28 24.66 3.95 26.77
N ALA B 29 24.59 2.96 27.66
CA ALA B 29 25.16 3.14 29.00
C ALA B 29 26.69 3.18 28.96
N MET B 30 27.31 2.41 28.06
CA MET B 30 28.77 2.36 28.02
C MET B 30 29.36 3.67 27.50
N LEU B 31 28.75 4.26 26.48
CA LEU B 31 29.22 5.54 25.95
C LEU B 31 28.21 6.65 26.18
N THR B 42 32.54 7.68 25.68
CA THR B 42 33.75 7.55 24.88
C THR B 42 33.39 7.36 23.41
N ASN B 43 34.25 6.69 22.66
CA ASN B 43 34.00 6.45 21.24
C ASN B 43 34.43 5.06 20.79
N GLU B 44 34.68 4.13 21.71
CA GLU B 44 35.12 2.78 21.34
C GLU B 44 34.65 1.78 22.39
N VAL B 45 34.04 0.69 21.93
CA VAL B 45 33.50 -0.35 22.81
C VAL B 45 33.96 -1.71 22.31
N ASN B 46 34.25 -2.61 23.25
CA ASN B 46 34.66 -3.98 22.92
C ASN B 46 33.70 -4.98 23.54
N PHE B 47 33.52 -6.10 22.83
CA PHE B 47 32.69 -7.22 23.31
C PHE B 47 33.54 -8.47 23.27
N ARG B 48 33.88 -9.00 24.45
CA ARG B 48 34.73 -10.18 24.53
C ARG B 48 33.98 -11.47 24.25
N GLU B 49 32.65 -11.42 24.10
CA GLU B 49 31.86 -12.62 23.91
C GLU B 49 30.93 -12.55 22.70
N ILE B 50 31.13 -11.59 21.80
CA ILE B 50 30.30 -11.48 20.60
C ILE B 50 31.18 -11.63 19.37
N PRO B 51 31.03 -12.70 18.60
CA PRO B 51 31.86 -12.89 17.40
C PRO B 51 31.53 -11.85 16.33
N SER B 52 32.38 -11.83 15.31
CA SER B 52 32.27 -10.81 14.27
C SER B 52 30.99 -10.98 13.45
N HIS B 53 30.65 -12.20 13.08
CA HIS B 53 29.48 -12.41 12.22
C HIS B 53 28.16 -12.09 12.95
N VAL B 54 28.15 -12.15 14.27
CA VAL B 54 26.94 -11.78 15.01
C VAL B 54 26.87 -10.27 15.27
N LEU B 55 28.02 -9.63 15.49
CA LEU B 55 28.01 -8.19 15.73
C LEU B 55 27.69 -7.41 14.47
N SER B 56 28.13 -7.91 13.30
CA SER B 56 27.78 -7.27 12.04
C SER B 56 26.28 -7.31 11.79
N LYS B 57 25.65 -8.45 12.07
CA LYS B 57 24.20 -8.58 11.89
C LYS B 57 23.45 -7.59 12.78
N VAL B 58 23.94 -7.36 14.00
CA VAL B 58 23.30 -6.39 14.89
C VAL B 58 23.37 -5.00 14.29
N CYS B 59 24.50 -4.64 13.68
CA CYS B 59 24.60 -3.36 13.00
C CYS B 59 23.64 -3.28 11.82
N MET B 60 23.41 -4.42 11.15
CA MET B 60 22.40 -4.45 10.09
C MET B 60 21.01 -4.16 10.65
N TYR B 61 20.74 -4.64 11.87
CA TYR B 61 19.49 -4.27 12.54
C TYR B 61 19.47 -2.78 12.87
N PHE B 62 20.60 -2.24 13.30
CA PHE B 62 20.70 -0.81 13.60
C PHE B 62 20.29 0.02 12.38
N THR B 63 20.94 -0.23 11.24
CA THR B 63 20.56 0.45 10.00
C THR B 63 19.12 0.15 9.63
N TYR B 64 18.63 -1.05 9.93
CA TYR B 64 17.25 -1.40 9.63
C TYR B 64 16.27 -0.66 10.54
N LYS B 65 16.62 -0.52 11.82
CA LYS B 65 15.70 0.10 12.77
C LYS B 65 15.61 1.61 12.57
N VAL B 66 16.76 2.27 12.36
CA VAL B 66 16.76 3.72 12.22
C VAL B 66 16.06 4.13 10.92
N ARG B 67 16.22 3.34 9.86
CA ARG B 67 15.64 3.69 8.57
C ARG B 67 14.12 3.53 8.60
N TYR B 68 13.61 2.50 9.27
CA TYR B 68 12.21 2.11 9.18
C TYR B 68 11.38 2.51 10.39
N THR B 69 11.97 3.18 11.38
CA THR B 69 11.15 3.72 12.47
C THR B 69 10.28 4.88 12.01
N ASN B 70 10.72 5.63 11.00
CA ASN B 70 9.99 6.79 10.52
C ASN B 70 9.09 6.48 9.33
N SER B 71 9.12 5.25 8.82
CA SER B 71 8.23 4.87 7.73
C SER B 71 6.79 4.80 8.21
N SER B 72 5.86 5.22 7.34
CA SER B 72 4.46 5.40 7.72
C SER B 72 3.49 4.60 6.88
N THR B 73 3.96 3.73 5.97
CA THR B 73 3.05 2.96 5.12
C THR B 73 3.21 1.46 5.34
N GLU B 74 4.40 0.90 5.12
CA GLU B 74 4.61 -0.52 5.28
C GLU B 74 6.08 -0.77 5.58
N ILE B 75 6.33 -1.79 6.40
CA ILE B 75 7.68 -2.17 6.82
C ILE B 75 7.99 -3.56 6.29
N PRO B 76 9.20 -3.82 5.83
CA PRO B 76 9.57 -5.18 5.43
C PRO B 76 10.04 -5.99 6.63
N GLU B 77 10.06 -7.30 6.44
CA GLU B 77 10.46 -8.20 7.51
C GLU B 77 11.98 -8.17 7.67
N PHE B 78 12.43 -8.24 8.93
CA PHE B 78 13.85 -8.33 9.19
C PHE B 78 14.30 -9.78 9.10
N PRO B 79 15.12 -10.13 8.12
CA PRO B 79 15.48 -11.54 7.92
C PRO B 79 16.54 -11.99 8.91
N ILE B 80 16.33 -13.19 9.45
CA ILE B 80 17.27 -13.82 10.38
C ILE B 80 17.41 -15.28 9.95
N ALA B 81 18.62 -15.66 9.56
CA ALA B 81 18.85 -17.03 9.16
C ALA B 81 18.71 -17.98 10.35
N PRO B 82 18.36 -19.24 10.11
CA PRO B 82 18.30 -20.20 11.22
C PRO B 82 19.65 -20.42 11.88
N GLU B 83 20.73 -20.43 11.09
CA GLU B 83 22.07 -20.66 11.62
C GLU B 83 22.58 -19.50 12.48
N ILE B 84 21.94 -18.34 12.42
CA ILE B 84 22.36 -17.18 13.21
C ILE B 84 21.42 -16.90 14.37
N ALA B 85 20.19 -17.42 14.34
CA ALA B 85 19.15 -17.00 15.29
C ALA B 85 19.57 -17.16 16.74
N LEU B 86 20.15 -18.32 17.08
CA LEU B 86 20.46 -18.58 18.49
C LEU B 86 21.58 -17.68 18.99
N GLU B 87 22.66 -17.54 18.21
CA GLU B 87 23.73 -16.63 18.60
C GLU B 87 23.25 -15.19 18.62
N LEU B 88 22.40 -14.81 17.65
CA LEU B 88 21.89 -13.45 17.59
C LEU B 88 20.95 -13.15 18.76
N LEU B 89 20.17 -14.15 19.19
CA LEU B 89 19.27 -13.92 20.31
C LEU B 89 20.03 -13.61 21.59
N MET B 90 21.10 -14.35 21.87
CA MET B 90 21.90 -14.08 23.06
C MET B 90 22.57 -12.72 22.99
N ALA B 91 23.06 -12.35 21.82
CA ALA B 91 23.66 -11.03 21.65
C ALA B 91 22.62 -9.92 21.82
N ALA B 92 21.41 -10.13 21.28
CA ALA B 92 20.35 -9.13 21.42
C ALA B 92 19.94 -8.96 22.87
N ASN B 93 19.83 -10.07 23.62
CA ASN B 93 19.45 -9.98 25.02
C ASN B 93 20.51 -9.24 25.83
N PHE B 94 21.79 -9.44 25.50
CA PHE B 94 22.86 -8.76 26.22
C PHE B 94 22.92 -7.28 25.85
N LEU B 95 22.54 -6.94 24.62
CA LEU B 95 22.62 -5.56 24.14
C LEU B 95 21.37 -4.75 24.47
N ASP B 96 20.27 -5.40 24.83
CA ASP B 96 18.99 -4.75 25.14
C ASP B 96 18.52 -3.90 23.94
N CYS B 97 18.22 -4.61 22.86
CA CYS B 97 17.72 -3.98 21.65
C CYS B 97 16.84 -4.95 20.87
N ARG C 9 -17.50 -1.42 33.98
CA ARG C 9 -17.20 -1.84 32.62
C ARG C 9 -15.74 -1.57 32.27
N PRO C 10 -15.11 -2.52 31.58
CA PRO C 10 -13.71 -2.35 31.16
C PRO C 10 -13.52 -1.10 30.31
N VAL C 11 -12.38 -0.42 30.50
CA VAL C 11 -12.12 0.80 29.76
C VAL C 11 -11.96 0.50 28.27
N LEU C 12 -11.22 -0.58 27.93
CA LEU C 12 -11.01 -0.98 26.55
C LEU C 12 -12.17 -1.85 26.09
N ARG C 13 -13.22 -1.22 25.59
CA ARG C 13 -14.38 -1.93 25.05
C ARG C 13 -15.07 -1.05 24.02
N SER C 14 -15.85 -1.70 23.16
CA SER C 14 -16.56 -0.97 22.12
C SER C 14 -17.88 -0.42 22.65
N VAL C 15 -18.36 0.63 21.98
CA VAL C 15 -19.62 1.27 22.34
C VAL C 15 -20.69 0.82 21.34
N ASN C 16 -21.91 0.61 21.85
CA ASN C 16 -23.03 0.17 21.03
C ASN C 16 -23.68 1.38 20.35
N SER C 17 -22.87 2.05 19.52
CA SER C 17 -23.33 3.26 18.85
C SER C 17 -24.39 2.95 17.79
N ARG C 18 -24.32 1.77 17.18
CA ARG C 18 -25.22 1.33 16.11
C ARG C 18 -25.17 2.24 14.88
N GLU C 19 -24.17 3.12 14.79
CA GLU C 19 -23.99 3.97 13.62
C GLU C 19 -22.96 3.33 12.72
N PRO C 20 -23.33 2.88 11.51
CA PRO C 20 -22.36 2.17 10.66
C PRO C 20 -21.31 3.10 10.08
N SER C 21 -20.13 2.54 9.86
CA SER C 21 -19.04 3.27 9.23
C SER C 21 -18.21 2.27 8.42
N GLN C 22 -18.13 2.49 7.11
CA GLN C 22 -17.39 1.56 6.25
C GLN C 22 -15.89 1.73 6.45
N VAL C 23 -15.21 0.62 6.71
CA VAL C 23 -13.78 0.60 6.96
C VAL C 23 -13.10 -0.30 5.93
N ILE C 24 -11.90 0.10 5.50
CA ILE C 24 -11.09 -0.66 4.56
C ILE C 24 -9.91 -1.24 5.32
N PHE C 25 -9.84 -2.57 5.38
CA PHE C 25 -8.72 -3.26 6.02
C PHE C 25 -7.64 -3.51 4.98
N CYS C 26 -6.44 -2.97 5.22
CA CYS C 26 -5.31 -3.11 4.32
C CYS C 26 -4.17 -3.79 5.06
N ASN C 27 -3.75 -4.95 4.56
CA ASN C 27 -2.69 -5.74 5.17
C ASN C 27 -1.42 -5.55 4.33
N ARG C 28 -0.54 -4.65 4.78
CA ARG C 28 0.75 -4.44 4.14
C ARG C 28 1.88 -5.06 4.95
N SER C 29 1.59 -6.15 5.68
CA SER C 29 2.58 -6.91 6.41
C SER C 29 2.77 -8.29 5.77
N PRO C 30 3.98 -8.85 5.85
CA PRO C 30 4.20 -10.19 5.27
C PRO C 30 3.59 -11.31 6.11
N ARG C 31 2.75 -10.95 7.07
CA ARG C 31 2.08 -11.91 7.94
C ARG C 31 0.60 -12.01 7.58
N VAL C 32 -0.02 -13.12 7.99
CA VAL C 32 -1.46 -13.29 7.86
C VAL C 32 -2.11 -12.60 9.05
N VAL C 33 -2.82 -11.51 8.79
CA VAL C 33 -3.34 -10.66 9.86
C VAL C 33 -4.65 -11.24 10.38
N LEU C 34 -4.78 -11.29 11.70
CA LEU C 34 -6.02 -11.68 12.37
C LEU C 34 -6.68 -10.44 12.96
N PRO C 35 -7.69 -9.87 12.31
CA PRO C 35 -8.41 -8.73 12.90
C PRO C 35 -9.19 -9.19 14.13
N VAL C 36 -8.92 -8.55 15.26
CA VAL C 36 -9.55 -8.88 16.53
C VAL C 36 -10.40 -7.70 16.98
N TRP C 37 -11.67 -7.96 17.27
CA TRP C 37 -12.62 -6.93 17.67
C TRP C 37 -12.92 -7.08 19.15
N LEU C 38 -12.73 -6.00 19.90
CA LEU C 38 -13.12 -5.96 21.30
C LEU C 38 -14.61 -5.65 21.39
N ASN C 39 -15.37 -6.57 21.98
CA ASN C 39 -16.82 -6.44 22.02
C ASN C 39 -17.23 -5.37 23.03
N PHE C 40 -18.52 -5.37 23.38
CA PHE C 40 -19.06 -4.37 24.28
C PHE C 40 -18.76 -4.65 25.74
N ASP C 41 -18.05 -5.75 26.04
CA ASP C 41 -17.61 -6.06 27.39
C ASP C 41 -16.10 -6.22 27.49
N GLY C 42 -15.36 -5.83 26.46
CA GLY C 42 -13.92 -5.93 26.48
C GLY C 42 -13.36 -7.29 26.12
N GLU C 43 -14.22 -8.23 25.71
CA GLU C 43 -13.77 -9.57 25.35
C GLU C 43 -13.36 -9.60 23.89
N PRO C 44 -12.13 -9.98 23.55
CA PRO C 44 -11.72 -9.99 22.15
C PRO C 44 -12.44 -11.08 21.36
N GLN C 45 -12.77 -10.75 20.11
CA GLN C 45 -13.45 -11.68 19.21
C GLN C 45 -12.65 -11.81 17.92
N PRO C 46 -12.35 -13.02 17.47
CA PRO C 46 -11.65 -13.17 16.19
C PRO C 46 -12.58 -12.96 15.01
N TYR C 47 -11.98 -12.52 13.90
CA TYR C 47 -12.68 -12.22 12.66
C TYR C 47 -11.92 -12.85 11.51
N PRO C 48 -12.53 -12.90 10.32
CA PRO C 48 -11.82 -13.48 9.16
C PRO C 48 -10.45 -12.86 8.95
N THR C 49 -9.50 -13.69 8.51
CA THR C 49 -8.12 -13.28 8.38
C THR C 49 -7.88 -12.60 7.03
N LEU C 50 -6.81 -11.82 6.97
CA LEU C 50 -6.41 -11.11 5.76
C LEU C 50 -5.07 -11.64 5.28
N PRO C 51 -5.00 -12.29 4.13
CA PRO C 51 -3.70 -12.71 3.58
C PRO C 51 -2.81 -11.51 3.32
N PRO C 52 -1.51 -11.70 3.20
CA PRO C 52 -0.61 -10.56 2.99
C PRO C 52 -0.88 -9.88 1.66
N GLY C 53 -0.86 -8.55 1.69
CA GLY C 53 -1.09 -7.75 0.50
C GLY C 53 -2.53 -7.67 0.05
N THR C 54 -3.48 -8.07 0.88
CA THR C 54 -4.88 -8.12 0.51
C THR C 54 -5.67 -7.00 1.19
N GLY C 55 -6.71 -6.54 0.52
CA GLY C 55 -7.58 -5.51 1.08
C GLY C 55 -9.03 -5.91 1.00
N ARG C 56 -9.78 -5.56 2.04
CA ARG C 56 -11.17 -5.96 2.16
C ARG C 56 -11.99 -4.81 2.75
N ARG C 57 -13.12 -4.51 2.11
CA ARG C 57 -14.05 -3.53 2.62
C ARG C 57 -14.81 -4.13 3.80
N ILE C 58 -14.83 -3.42 4.93
CA ILE C 58 -15.41 -3.95 6.16
C ILE C 58 -16.55 -3.06 6.62
N HIS C 59 -17.60 -3.70 7.16
CA HIS C 59 -18.75 -3.02 7.71
C HIS C 59 -18.61 -2.99 9.23
N SER C 60 -18.33 -1.81 9.77
CA SER C 60 -18.19 -1.65 11.22
C SER C 60 -19.05 -0.51 11.74
N TYR C 61 -18.89 -0.16 13.01
CA TYR C 61 -19.70 0.86 13.65
C TYR C 61 -18.80 1.83 14.41
N ARG C 62 -19.30 3.05 14.60
CA ARG C 62 -18.53 4.10 15.26
C ARG C 62 -18.23 3.71 16.70
N GLY C 63 -17.01 3.99 17.13
CA GLY C 63 -16.59 3.71 18.49
C GLY C 63 -16.13 2.30 18.76
N HIS C 64 -16.22 1.40 17.77
CA HIS C 64 -15.78 0.03 17.98
C HIS C 64 -14.26 -0.06 17.97
N LEU C 65 -13.72 -0.96 18.79
CA LEU C 65 -12.29 -1.13 18.92
C LEU C 65 -11.82 -2.31 18.07
N TRP C 66 -10.61 -2.18 17.51
CA TRP C 66 -10.01 -3.24 16.71
C TRP C 66 -8.53 -3.32 17.01
N LEU C 67 -7.99 -4.53 17.01
CA LEU C 67 -6.56 -4.77 17.06
C LEU C 67 -6.22 -5.88 16.07
N PHE C 68 -4.95 -5.98 15.72
CA PHE C 68 -4.49 -6.88 14.67
C PHE C 68 -3.29 -7.67 15.14
N ARG C 69 -3.34 -9.00 14.96
CA ARG C 69 -2.28 -9.91 15.35
C ARG C 69 -2.00 -10.88 14.20
N ASP C 70 -0.85 -11.54 14.29
CA ASP C 70 -0.53 -12.61 13.34
C ASP C 70 -1.47 -13.78 13.57
N ALA C 71 -2.11 -14.23 12.50
CA ALA C 71 -3.12 -15.29 12.62
C ALA C 71 -2.55 -16.57 13.21
N GLY C 72 -1.29 -16.87 12.93
CA GLY C 72 -0.69 -18.11 13.39
C GLY C 72 0.10 -17.99 14.68
N THR C 73 0.80 -16.87 14.87
CA THR C 73 1.70 -16.70 16.00
C THR C 73 1.20 -15.68 17.02
N HIS C 74 0.18 -14.89 16.68
CA HIS C 74 -0.37 -13.87 17.59
C HIS C 74 0.66 -12.81 17.96
N ASP C 75 1.61 -12.54 17.07
CA ASP C 75 2.53 -11.44 17.28
C ASP C 75 1.79 -10.12 17.15
N GLY C 76 2.36 -9.08 17.77
CA GLY C 76 1.76 -7.76 17.70
C GLY C 76 1.94 -7.14 16.33
N LEU C 77 0.94 -6.35 15.93
CA LEU C 77 0.95 -5.63 14.67
C LEU C 77 0.52 -4.20 14.91
N LEU C 78 0.84 -3.33 13.95
CA LEU C 78 0.53 -1.91 14.05
C LEU C 78 -0.57 -1.53 13.07
N VAL C 79 -1.55 -0.78 13.53
CA VAL C 79 -2.59 -0.21 12.68
C VAL C 79 -2.44 1.30 12.70
N ASN C 80 -2.14 1.87 11.53
CA ASN C 80 -1.98 3.32 11.39
C ASN C 80 -0.87 3.85 12.29
N GLN C 81 0.24 3.10 12.35
CA GLN C 81 1.37 3.39 13.23
C GLN C 81 0.96 3.42 14.71
N THR C 82 -0.11 2.71 15.06
CA THR C 82 -0.55 2.60 16.45
C THR C 82 -1.08 1.18 16.64
N GLU C 83 -1.27 0.79 17.89
CA GLU C 83 -1.70 -0.56 18.20
C GLU C 83 -3.21 -0.72 18.20
N LEU C 84 -3.95 0.34 18.53
CA LEU C 84 -5.40 0.29 18.57
C LEU C 84 -5.99 1.16 17.47
N PHE C 85 -7.15 0.74 16.95
CA PHE C 85 -7.82 1.43 15.85
C PHE C 85 -9.27 1.68 16.23
N VAL C 86 -9.67 2.96 16.22
CA VAL C 86 -11.06 3.33 16.46
C VAL C 86 -11.55 4.17 15.28
N PRO C 87 -12.43 3.64 14.44
CA PRO C 87 -12.97 4.44 13.34
C PRO C 87 -13.97 5.46 13.84
N SER C 88 -13.91 6.66 13.27
CA SER C 88 -14.92 7.68 13.55
C SER C 88 -16.16 7.42 12.69
N LEU C 89 -17.03 8.41 12.57
CA LEU C 89 -18.17 8.31 11.68
C LEU C 89 -17.79 8.81 10.29
N ASN C 90 -18.26 8.11 9.26
CA ASN C 90 -17.92 8.44 7.89
C ASN C 90 -18.32 9.87 7.55
N VAL C 91 -17.34 10.74 7.32
CA VAL C 91 -17.60 12.13 7.00
C VAL C 91 -18.07 12.20 5.56
N ASP C 92 -19.37 12.46 5.36
CA ASP C 92 -19.98 12.54 4.03
C ASP C 92 -19.80 11.22 3.27
N GLY C 93 -19.88 10.11 3.99
CA GLY C 93 -19.76 8.80 3.40
C GLY C 93 -18.35 8.34 3.08
N GLN C 94 -17.34 9.19 3.23
CA GLN C 94 -15.97 8.81 2.95
C GLN C 94 -15.52 7.72 3.93
N PRO C 95 -15.16 6.53 3.45
CA PRO C 95 -14.76 5.46 4.36
C PRO C 95 -13.44 5.76 5.05
N ILE C 96 -13.22 5.08 6.18
CA ILE C 96 -12.03 5.25 7.00
C ILE C 96 -11.09 4.09 6.75
N PHE C 97 -9.79 4.40 6.65
CA PHE C 97 -8.77 3.45 6.23
C PHE C 97 -8.01 2.91 7.45
N ALA C 98 -7.71 1.61 7.41
CA ALA C 98 -6.94 0.94 8.46
C ALA C 98 -5.75 0.25 7.80
N ASN C 99 -4.55 0.79 8.02
CA ASN C 99 -3.34 0.36 7.32
C ASN C 99 -2.49 -0.46 8.27
N ILE C 100 -2.58 -1.79 8.14
CA ILE C 100 -1.86 -2.71 9.03
C ILE C 100 -0.43 -2.87 8.54
N THR C 101 0.53 -2.63 9.42
CA THR C 101 1.95 -2.74 9.10
C THR C 101 2.65 -3.59 10.15
N LEU C 102 3.86 -4.02 9.82
CA LEU C 102 4.73 -4.63 10.81
C LEU C 102 5.28 -3.56 11.75
N PRO C 103 5.30 -3.80 13.05
CA PRO C 103 6.03 -2.90 13.94
C PRO C 103 7.52 -3.14 13.84
N VAL C 104 8.28 -2.08 14.08
CA VAL C 104 9.74 -2.21 14.12
C VAL C 104 10.09 -2.97 15.39
N TYR C 105 10.01 -4.30 15.31
CA TYR C 105 10.22 -5.13 16.48
C TYR C 105 11.61 -4.92 17.07
N THR C 106 11.73 -5.15 18.37
CA THR C 106 13.04 -5.18 19.01
C THR C 106 13.81 -6.40 18.51
N LEU C 107 15.14 -6.26 18.44
CA LEU C 107 15.96 -7.37 17.97
C LEU C 107 15.80 -8.60 18.84
N LYS C 108 15.54 -8.41 20.14
CA LYS C 108 15.28 -9.57 21.00
C LYS C 108 13.97 -10.24 20.64
N GLU C 109 12.89 -9.46 20.53
CA GLU C 109 11.59 -10.05 20.22
C GLU C 109 11.57 -10.64 18.82
N ARG C 110 12.24 -10.00 17.86
CA ARG C 110 12.31 -10.54 16.52
C ARG C 110 13.02 -11.89 16.50
N CYS C 111 14.09 -12.03 17.30
CA CYS C 111 14.77 -13.31 17.40
C CYS C 111 13.87 -14.36 18.06
N LEU C 112 13.07 -13.94 19.05
CA LEU C 112 12.17 -14.88 19.70
C LEU C 112 11.18 -15.47 18.70
N GLN C 113 10.63 -14.65 17.81
CA GLN C 113 9.71 -15.15 16.80
C GLN C 113 10.37 -16.18 15.91
N VAL C 114 11.60 -15.92 15.48
CA VAL C 114 12.29 -16.85 14.60
C VAL C 114 12.58 -18.17 15.30
N VAL C 115 12.99 -18.11 16.57
CA VAL C 115 13.29 -19.33 17.31
C VAL C 115 12.01 -20.12 17.57
N ARG C 116 10.93 -19.44 17.93
CA ARG C 116 9.66 -20.12 18.15
C ARG C 116 9.16 -20.78 16.86
N SER C 117 9.40 -20.14 15.72
CA SER C 117 8.96 -20.67 14.44
C SER C 117 9.87 -21.78 13.90
N LEU C 118 10.90 -22.18 14.66
CA LEU C 118 11.79 -23.25 14.25
C LEU C 118 11.92 -24.38 15.26
N VAL C 119 11.48 -24.19 16.51
CA VAL C 119 11.62 -25.20 17.56
C VAL C 119 10.25 -25.46 18.17
N LYS C 120 9.95 -26.73 18.39
CA LYS C 120 8.71 -27.09 19.07
C LYS C 120 8.74 -26.60 20.51
N PRO C 121 7.59 -26.24 21.07
CA PRO C 121 7.57 -25.74 22.46
C PRO C 121 8.09 -26.73 23.47
N GLU C 122 8.09 -28.02 23.15
CA GLU C 122 8.62 -29.02 24.07
C GLU C 122 10.14 -29.02 24.08
N ASN C 123 10.77 -28.69 22.97
CA ASN C 123 12.23 -28.71 22.84
C ASN C 123 12.85 -27.33 23.03
N TYR C 124 12.16 -26.41 23.71
CA TYR C 124 12.73 -25.08 23.93
C TYR C 124 13.92 -25.16 24.88
N ARG C 125 13.79 -25.93 25.95
CA ARG C 125 14.82 -26.00 26.98
C ARG C 125 15.95 -26.96 26.61
N ARG C 126 16.00 -27.39 25.35
CA ARG C 126 17.09 -28.22 24.84
C ARG C 126 18.11 -27.40 24.05
N LEU C 127 18.00 -26.08 24.08
CA LEU C 127 18.85 -25.19 23.30
C LEU C 127 19.99 -24.65 24.15
N ASP C 128 21.15 -24.47 23.52
CA ASP C 128 22.35 -24.00 24.21
C ASP C 128 22.30 -22.48 24.41
N ILE C 129 21.28 -22.05 25.15
CA ILE C 129 21.11 -20.65 25.52
C ILE C 129 20.96 -20.57 27.02
N VAL C 130 21.01 -19.34 27.54
CA VAL C 130 20.91 -19.14 28.98
C VAL C 130 19.51 -19.51 29.46
N ARG C 131 19.41 -19.82 30.76
CA ARG C 131 18.15 -20.28 31.34
C ARG C 131 17.05 -19.22 31.27
N SER C 132 17.42 -17.94 31.20
CA SER C 132 16.40 -16.90 31.13
C SER C 132 15.69 -16.89 29.77
N LEU C 133 16.40 -17.24 28.70
CA LEU C 133 15.79 -17.22 27.37
C LEU C 133 14.78 -18.35 27.17
N TYR C 134 14.86 -19.42 27.96
CA TYR C 134 13.81 -20.42 27.93
C TYR C 134 12.47 -19.80 28.32
N GLU C 135 12.46 -19.05 29.42
CA GLU C 135 11.24 -18.39 29.88
C GLU C 135 10.79 -17.32 28.88
N ASP C 136 11.72 -16.60 28.27
CA ASP C 136 11.35 -15.60 27.28
C ASP C 136 10.72 -16.25 26.06
N LEU C 137 11.16 -17.45 25.68
CA LEU C 137 10.60 -18.11 24.51
C LEU C 137 9.19 -18.60 24.78
N GLU C 138 8.97 -19.28 25.91
CA GLU C 138 7.66 -19.81 26.23
C GLU C 138 6.70 -18.75 26.74
N ASP C 139 7.12 -17.48 26.77
CA ASP C 139 6.21 -16.37 27.06
C ASP C 139 5.65 -15.88 25.71
N HIS C 140 4.84 -16.76 25.11
CA HIS C 140 4.26 -16.47 23.80
C HIS C 140 3.36 -15.24 23.88
N PRO C 141 3.32 -14.46 22.81
CA PRO C 141 2.44 -13.28 22.80
C PRO C 141 0.98 -13.70 22.71
N ASN C 142 0.14 -12.97 23.43
CA ASN C 142 -1.30 -13.16 23.36
C ASN C 142 -1.98 -11.80 23.46
N VAL C 143 -3.28 -11.79 23.20
CA VAL C 143 -4.03 -10.53 23.27
C VAL C 143 -4.31 -10.14 24.71
N GLN C 144 -4.44 -11.11 25.61
CA GLN C 144 -4.82 -10.80 26.99
C GLN C 144 -3.75 -9.98 27.70
N LYS C 145 -2.49 -10.44 27.63
CA LYS C 145 -1.42 -9.72 28.32
C LYS C 145 -1.20 -8.34 27.72
N ASP C 146 -1.38 -8.19 26.40
CA ASP C 146 -1.25 -6.88 25.78
C ASP C 146 -2.39 -5.96 26.19
N LEU C 147 -3.62 -6.48 26.19
CA LEU C 147 -4.77 -5.66 26.60
C LEU C 147 -4.59 -5.10 28.01
N GLU C 148 -3.93 -5.85 28.89
CA GLU C 148 -3.66 -5.32 30.23
C GLU C 148 -2.69 -4.15 30.17
N ARG C 149 -1.71 -4.21 29.26
CA ARG C 149 -0.74 -3.12 29.15
C ARG C 149 -1.39 -1.88 28.55
N LEU C 150 -2.11 -2.05 27.43
CA LEU C 150 -2.77 -0.92 26.79
C LEU C 150 -3.85 -0.32 27.69
N THR C 151 -4.43 -1.13 28.58
CA THR C 151 -5.38 -0.61 29.55
C THR C 151 -4.72 0.35 30.53
N GLN C 152 -3.66 -0.11 31.19
CA GLN C 152 -2.95 0.75 32.15
C GLN C 152 -2.20 1.88 31.45
N GLU C 153 -1.77 1.68 30.19
CA GLU C 153 -1.04 2.73 29.51
C GLU C 153 -1.95 3.88 29.10
N ARG C 154 -3.24 3.62 28.87
CA ARG C 154 -4.18 4.68 28.51
C ARG C 154 -4.77 5.24 29.79
N ILE C 155 -3.99 6.07 30.47
CA ILE C 155 -4.43 6.73 31.70
C ILE C 155 -3.94 8.17 31.65
N ALA C 156 -4.88 9.11 31.69
CA ALA C 156 -4.54 10.53 31.64
C ALA C 156 -5.66 11.37 32.24
N MET D 2 -23.06 -40.30 -3.02
CA MET D 2 -24.03 -39.21 -3.14
C MET D 2 -23.61 -38.03 -2.25
N THR D 3 -23.42 -36.87 -2.88
CA THR D 3 -22.99 -35.67 -2.16
C THR D 3 -24.18 -34.93 -1.58
N GLU D 4 -24.05 -34.50 -0.33
CA GLU D 4 -25.10 -33.77 0.36
C GLU D 4 -24.75 -32.28 0.38
N TYR D 5 -25.80 -31.45 0.36
CA TYR D 5 -25.65 -29.99 0.33
C TYR D 5 -26.46 -29.38 1.46
N LYS D 6 -25.78 -28.65 2.34
CA LYS D 6 -26.41 -27.96 3.46
C LYS D 6 -26.67 -26.52 3.04
N LEU D 7 -27.94 -26.20 2.79
CA LEU D 7 -28.34 -24.87 2.36
C LEU D 7 -29.07 -24.15 3.49
N VAL D 8 -28.92 -22.83 3.53
CA VAL D 8 -29.54 -22.02 4.57
C VAL D 8 -30.29 -20.87 3.92
N VAL D 9 -31.46 -20.56 4.46
CA VAL D 9 -32.31 -19.48 3.97
C VAL D 9 -32.39 -18.42 5.06
N VAL D 10 -31.88 -17.22 4.75
CA VAL D 10 -31.86 -16.11 5.70
C VAL D 10 -32.51 -14.90 5.04
N GLY D 11 -32.86 -13.92 5.87
CA GLY D 11 -33.49 -12.72 5.37
C GLY D 11 -34.26 -12.02 6.47
N ALA D 12 -34.85 -10.90 6.10
CA ALA D 12 -35.64 -10.10 7.02
C ALA D 12 -36.88 -10.87 7.47
N ARG D 13 -37.50 -10.36 8.54
CA ARG D 13 -38.67 -11.01 9.10
C ARG D 13 -39.87 -10.84 8.17
N GLY D 14 -40.44 -11.95 7.73
CA GLY D 14 -41.61 -11.92 6.87
C GLY D 14 -41.34 -11.88 5.39
N VAL D 15 -40.14 -12.28 4.95
CA VAL D 15 -39.83 -12.29 3.53
C VAL D 15 -40.27 -13.57 2.83
N GLY D 16 -40.40 -14.67 3.56
CA GLY D 16 -40.84 -15.92 2.96
C GLY D 16 -39.84 -17.04 3.10
N LYS D 17 -38.97 -16.97 4.11
CA LYS D 17 -37.94 -18.00 4.29
C LYS D 17 -38.57 -19.38 4.44
N SER D 18 -39.53 -19.52 5.37
CA SER D 18 -40.15 -20.81 5.59
C SER D 18 -41.08 -21.18 4.43
N ALA D 19 -41.80 -20.20 3.89
CA ALA D 19 -42.72 -20.48 2.78
C ALA D 19 -41.97 -21.05 1.57
N LEU D 20 -40.81 -20.48 1.24
CA LEU D 20 -40.01 -21.01 0.16
C LEU D 20 -39.55 -22.44 0.44
N THR D 21 -39.18 -22.72 1.70
CA THR D 21 -38.75 -24.06 2.05
C THR D 21 -39.91 -25.05 2.01
N ILE D 22 -41.09 -24.64 2.48
CA ILE D 22 -42.25 -25.54 2.47
C ILE D 22 -42.62 -25.90 1.04
N GLN D 23 -42.71 -24.90 0.17
CA GLN D 23 -43.11 -25.17 -1.21
C GLN D 23 -42.05 -25.99 -1.95
N LEU D 24 -40.77 -25.75 -1.66
CA LEU D 24 -39.71 -26.51 -2.32
C LEU D 24 -39.78 -28.00 -1.99
N ILE D 25 -40.31 -28.34 -0.81
CA ILE D 25 -40.31 -29.71 -0.32
C ILE D 25 -41.67 -30.37 -0.50
N GLN D 26 -42.75 -29.66 -0.20
CA GLN D 26 -44.08 -30.25 -0.18
C GLN D 26 -44.97 -29.79 -1.32
N ASN D 27 -44.51 -28.83 -2.14
CA ASN D 27 -45.33 -28.26 -3.22
C ASN D 27 -46.65 -27.75 -2.66
N HIS D 28 -46.55 -26.95 -1.60
CA HIS D 28 -47.70 -26.53 -0.83
C HIS D 28 -47.41 -25.19 -0.18
N PHE D 29 -48.42 -24.31 -0.15
CA PHE D 29 -48.28 -22.99 0.46
C PHE D 29 -49.54 -22.71 1.27
N VAL D 30 -49.38 -22.59 2.59
CA VAL D 30 -50.51 -22.39 3.48
C VAL D 30 -51.11 -20.99 3.32
N TYR D 41 -36.21 -31.19 6.71
CA TYR D 41 -36.35 -30.60 5.37
C TYR D 41 -35.26 -31.12 4.43
N ARG D 42 -35.51 -32.28 3.83
CA ARG D 42 -34.54 -32.90 2.93
C ARG D 42 -35.26 -33.38 1.68
N LYS D 43 -34.56 -33.32 0.55
CA LYS D 43 -35.15 -33.65 -0.74
C LYS D 43 -34.06 -34.22 -1.64
N GLN D 44 -34.28 -35.42 -2.17
CA GLN D 44 -33.32 -36.05 -3.07
C GLN D 44 -33.58 -35.53 -4.48
N VAL D 45 -32.64 -34.75 -5.01
CA VAL D 45 -32.85 -34.02 -6.26
C VAL D 45 -31.77 -34.41 -7.27
N VAL D 46 -32.13 -34.32 -8.54
CA VAL D 46 -31.23 -34.59 -9.67
C VAL D 46 -30.95 -33.25 -10.35
N ILE D 47 -29.78 -32.68 -10.10
CA ILE D 47 -29.38 -31.39 -10.65
C ILE D 47 -28.19 -31.62 -11.57
N ASP D 48 -28.35 -31.23 -12.84
CA ASP D 48 -27.31 -31.39 -13.87
C ASP D 48 -26.86 -32.85 -13.98
N GLY D 49 -27.81 -33.77 -13.81
CA GLY D 49 -27.50 -35.18 -13.89
C GLY D 49 -26.70 -35.70 -12.72
N GLU D 50 -26.80 -35.04 -11.57
CA GLU D 50 -26.10 -35.45 -10.35
C GLU D 50 -27.14 -35.65 -9.25
N THR D 51 -27.15 -36.85 -8.67
CA THR D 51 -28.04 -37.15 -7.55
C THR D 51 -27.44 -36.59 -6.27
N CYS D 52 -28.16 -35.66 -5.63
CA CYS D 52 -27.68 -35.01 -4.43
C CYS D 52 -28.86 -34.73 -3.51
N LEU D 53 -28.56 -34.54 -2.22
CA LEU D 53 -29.58 -34.25 -1.22
C LEU D 53 -29.45 -32.80 -0.76
N LEU D 54 -30.59 -32.15 -0.59
CA LEU D 54 -30.65 -30.76 -0.14
C LEU D 54 -31.08 -30.75 1.33
N ASP D 55 -30.17 -30.38 2.22
CA ASP D 55 -30.46 -30.31 3.65
C ASP D 55 -30.70 -28.85 3.99
N ILE D 56 -31.96 -28.43 3.93
CA ILE D 56 -32.35 -27.07 4.26
C ILE D 56 -32.40 -26.91 5.77
N LEU D 57 -31.73 -25.88 6.28
CA LEU D 57 -31.67 -25.66 7.71
C LEU D 57 -32.83 -24.78 8.16
N ASP D 58 -33.07 -24.79 9.48
CA ASP D 58 -34.09 -23.94 10.08
C ASP D 58 -33.91 -22.50 9.62
N THR D 59 -35.02 -21.84 9.30
CA THR D 59 -34.94 -20.47 8.85
C THR D 59 -35.05 -19.45 9.98
N ALA D 60 -35.71 -19.82 11.08
CA ALA D 60 -35.93 -18.96 12.24
C ALA D 60 -36.13 -17.50 11.87
N GLY D 61 -35.07 -16.71 11.98
CA GLY D 61 -35.09 -15.29 11.69
C GLY D 61 -34.92 -14.40 12.90
N GLN D 62 -34.99 -14.95 14.11
CA GLN D 62 -34.77 -14.16 15.31
C GLN D 62 -33.32 -13.69 15.35
N GLU D 63 -33.11 -12.48 15.87
CA GLU D 63 -31.77 -11.91 15.93
C GLU D 63 -31.07 -12.42 17.19
N GLU D 64 -29.98 -13.16 17.00
CA GLU D 64 -29.23 -13.71 18.12
C GLU D 64 -27.76 -13.78 17.71
N TYR D 65 -26.91 -13.03 18.40
CA TYR D 65 -25.48 -12.98 18.11
C TYR D 65 -24.72 -13.72 19.20
N SER D 66 -24.90 -15.03 19.24
CA SER D 66 -24.18 -15.91 20.14
C SER D 66 -23.27 -16.84 19.34
N ALA D 67 -22.31 -17.44 20.05
CA ALA D 67 -21.42 -18.40 19.41
C ALA D 67 -22.17 -19.68 19.02
N MET D 68 -23.25 -20.01 19.74
CA MET D 68 -24.05 -21.17 19.38
C MET D 68 -24.77 -20.95 18.06
N ARG D 69 -25.27 -19.74 17.84
CA ARG D 69 -25.90 -19.42 16.56
C ARG D 69 -24.87 -19.33 15.45
N ASP D 70 -23.69 -18.78 15.76
CA ASP D 70 -22.62 -18.73 14.77
C ASP D 70 -22.17 -20.13 14.37
N GLN D 71 -22.14 -21.07 15.33
CA GLN D 71 -21.75 -22.43 15.02
C GLN D 71 -22.77 -23.12 14.12
N TYR D 72 -24.06 -22.85 14.36
CA TYR D 72 -25.10 -23.45 13.53
C TYR D 72 -25.06 -22.90 12.10
N MET D 73 -24.90 -21.59 11.96
CA MET D 73 -24.85 -20.98 10.63
C MET D 73 -23.56 -21.32 9.89
N ARG D 74 -22.45 -21.50 10.62
CA ARG D 74 -21.18 -21.82 9.98
C ARG D 74 -21.21 -23.17 9.28
N THR D 75 -22.15 -24.05 9.64
CA THR D 75 -22.21 -25.37 9.00
C THR D 75 -22.75 -25.28 7.57
N GLY D 76 -23.55 -24.27 7.26
CA GLY D 76 -24.13 -24.16 5.94
C GLY D 76 -23.08 -23.85 4.89
N GLU D 77 -23.24 -24.46 3.71
CA GLU D 77 -22.35 -24.25 2.59
C GLU D 77 -22.84 -23.19 1.61
N GLY D 78 -24.15 -23.07 1.44
CA GLY D 78 -24.72 -22.05 0.60
C GLY D 78 -25.86 -21.34 1.30
N PHE D 79 -25.99 -20.05 1.01
CA PHE D 79 -26.93 -19.18 1.69
C PHE D 79 -27.85 -18.49 0.69
N LEU D 80 -29.15 -18.51 0.98
CA LEU D 80 -30.16 -17.83 0.18
C LEU D 80 -30.57 -16.57 0.93
N CYS D 81 -30.11 -15.42 0.44
CA CYS D 81 -30.46 -14.14 1.03
C CYS D 81 -31.77 -13.66 0.41
N VAL D 82 -32.81 -13.58 1.22
CA VAL D 82 -34.17 -13.34 0.72
C VAL D 82 -34.62 -11.95 1.10
N PHE D 83 -35.41 -11.35 0.21
CA PHE D 83 -36.08 -10.09 0.46
C PHE D 83 -37.39 -10.08 -0.31
N ALA D 84 -38.36 -9.37 0.23
CA ALA D 84 -39.66 -9.24 -0.42
C ALA D 84 -39.64 -8.03 -1.34
N ILE D 85 -40.20 -8.19 -2.54
CA ILE D 85 -40.16 -7.10 -3.51
C ILE D 85 -41.08 -5.97 -3.11
N ASN D 86 -42.01 -6.20 -2.18
CA ASN D 86 -42.91 -5.17 -1.70
C ASN D 86 -42.42 -4.50 -0.43
N ASN D 87 -41.29 -4.95 0.13
CA ASN D 87 -40.74 -4.40 1.37
C ASN D 87 -39.34 -3.88 1.09
N THR D 88 -39.19 -2.56 1.04
CA THR D 88 -37.89 -1.97 0.76
C THR D 88 -36.89 -2.22 1.88
N LYS D 89 -37.38 -2.34 3.12
CA LYS D 89 -36.47 -2.57 4.24
C LYS D 89 -35.79 -3.93 4.14
N SER D 90 -36.52 -4.94 3.65
CA SER D 90 -35.91 -6.26 3.48
C SER D 90 -34.79 -6.24 2.46
N PHE D 91 -34.84 -5.30 1.52
CA PHE D 91 -33.79 -5.18 0.51
C PHE D 91 -32.56 -4.48 1.10
N GLU D 92 -32.78 -3.43 1.90
CA GLU D 92 -31.65 -2.73 2.52
C GLU D 92 -30.90 -3.63 3.48
N ASP D 93 -31.60 -4.55 4.15
CA ASP D 93 -30.96 -5.43 5.12
C ASP D 93 -30.09 -6.51 4.46
N ILE D 94 -30.15 -6.64 3.13
CA ILE D 94 -29.38 -7.68 2.45
C ILE D 94 -27.89 -7.53 2.72
N HIS D 95 -27.41 -6.27 2.75
CA HIS D 95 -26.00 -6.05 3.05
C HIS D 95 -25.63 -6.58 4.44
N HIS D 96 -26.47 -6.31 5.43
CA HIS D 96 -26.18 -6.78 6.78
C HIS D 96 -26.18 -8.31 6.86
N TYR D 97 -27.12 -8.95 6.17
CA TYR D 97 -27.15 -10.41 6.17
C TYR D 97 -25.95 -11.00 5.43
N ARG D 98 -25.51 -10.35 4.36
CA ARG D 98 -24.37 -10.85 3.61
C ARG D 98 -23.08 -10.72 4.41
N GLU D 99 -22.92 -9.62 5.16
CA GLU D 99 -21.70 -9.42 5.93
C GLU D 99 -21.62 -10.38 7.11
N GLN D 100 -22.76 -10.67 7.75
CA GLN D 100 -22.75 -11.64 8.83
C GLN D 100 -22.47 -13.05 8.32
N ILE D 101 -22.82 -13.34 7.07
CA ILE D 101 -22.47 -14.63 6.48
C ILE D 101 -20.97 -14.73 6.24
N LYS D 102 -20.36 -13.66 5.72
CA LYS D 102 -18.92 -13.66 5.49
C LYS D 102 -18.14 -13.76 6.79
N ARG D 103 -18.70 -13.23 7.88
CA ARG D 103 -17.99 -13.26 9.16
C ARG D 103 -17.95 -14.67 9.74
N VAL D 104 -19.05 -15.42 9.66
CA VAL D 104 -19.08 -16.74 10.26
C VAL D 104 -18.37 -17.76 9.37
N LYS D 105 -18.50 -17.64 8.05
CA LYS D 105 -17.85 -18.57 7.14
C LYS D 105 -16.36 -18.32 6.99
N ASP D 106 -15.85 -17.22 7.56
CA ASP D 106 -14.42 -16.87 7.49
C ASP D 106 -13.94 -16.77 6.05
N SER D 107 -14.78 -16.22 5.17
CA SER D 107 -14.41 -16.07 3.77
C SER D 107 -15.04 -14.80 3.22
N GLU D 108 -14.63 -14.44 2.00
CA GLU D 108 -15.14 -13.26 1.32
C GLU D 108 -16.01 -13.59 0.12
N ASP D 109 -15.81 -14.76 -0.49
CA ASP D 109 -16.60 -15.24 -1.62
C ASP D 109 -17.33 -16.50 -1.17
N VAL D 110 -18.47 -16.31 -0.51
CA VAL D 110 -19.29 -17.42 -0.02
C VAL D 110 -20.31 -17.79 -1.07
N PRO D 111 -20.58 -19.08 -1.30
CA PRO D 111 -21.63 -19.47 -2.25
C PRO D 111 -22.97 -18.87 -1.86
N MET D 112 -23.50 -18.01 -2.73
CA MET D 112 -24.65 -17.18 -2.37
C MET D 112 -25.48 -16.89 -3.60
N VAL D 113 -26.79 -16.70 -3.39
CA VAL D 113 -27.72 -16.33 -4.45
C VAL D 113 -28.76 -15.40 -3.85
N LEU D 114 -28.94 -14.23 -4.47
CA LEU D 114 -29.95 -13.29 -4.03
C LEU D 114 -31.32 -13.70 -4.58
N VAL D 115 -32.34 -13.58 -3.74
CA VAL D 115 -33.69 -14.04 -4.08
C VAL D 115 -34.67 -12.93 -3.76
N GLY D 116 -35.47 -12.55 -4.76
CA GLY D 116 -36.57 -11.62 -4.57
C GLY D 116 -37.90 -12.33 -4.49
N ASN D 117 -38.46 -12.45 -3.28
CA ASN D 117 -39.65 -13.24 -3.06
C ASN D 117 -40.91 -12.39 -3.21
N LYS D 118 -42.06 -13.07 -3.26
CA LYS D 118 -43.38 -12.44 -3.31
C LYS D 118 -43.60 -11.65 -4.59
N CYS D 119 -43.08 -12.16 -5.71
N CYS D 119 -43.08 -12.16 -5.71
CA CYS D 119 -43.27 -11.47 -6.99
CA CYS D 119 -43.27 -11.49 -6.99
C CYS D 119 -44.68 -11.63 -7.54
C CYS D 119 -44.70 -11.58 -7.49
N ASP D 120 -45.54 -12.40 -6.89
CA ASP D 120 -46.94 -12.53 -7.28
C ASP D 120 -47.81 -11.41 -6.73
N LEU D 121 -47.21 -10.40 -6.04
CA LEU D 121 -47.89 -9.31 -5.39
C LEU D 121 -47.93 -8.08 -6.31
N PRO D 122 -48.99 -7.28 -6.21
CA PRO D 122 -49.11 -6.06 -7.03
C PRO D 122 -48.51 -4.80 -6.41
N SER D 123 -47.91 -4.89 -5.23
CA SER D 123 -47.38 -3.70 -4.57
C SER D 123 -45.85 -3.69 -4.59
N ARG D 124 -45.27 -3.89 -5.77
CA ARG D 124 -43.82 -3.91 -5.88
C ARG D 124 -43.24 -2.54 -5.57
N THR D 125 -42.28 -2.51 -4.64
CA THR D 125 -41.58 -1.29 -4.27
C THR D 125 -40.08 -1.36 -4.58
N VAL D 126 -39.60 -2.50 -5.06
CA VAL D 126 -38.19 -2.67 -5.43
C VAL D 126 -38.15 -3.10 -6.89
N ASP D 127 -37.48 -2.30 -7.72
CA ASP D 127 -37.33 -2.63 -9.12
C ASP D 127 -36.41 -3.83 -9.30
N THR D 128 -36.74 -4.70 -10.25
CA THR D 128 -35.90 -5.85 -10.53
C THR D 128 -34.52 -5.44 -11.01
N LYS D 129 -34.42 -4.28 -11.67
CA LYS D 129 -33.11 -3.76 -12.07
C LYS D 129 -32.26 -3.37 -10.86
N GLN D 130 -32.89 -2.86 -9.80
CA GLN D 130 -32.14 -2.53 -8.60
C GLN D 130 -31.51 -3.78 -7.99
N ALA D 131 -32.24 -4.89 -7.98
CA ALA D 131 -31.69 -6.13 -7.46
C ALA D 131 -30.64 -6.71 -8.40
N GLN D 132 -30.86 -6.60 -9.71
CA GLN D 132 -29.88 -7.10 -10.66
C GLN D 132 -28.57 -6.32 -10.56
N ASP D 133 -28.65 -5.01 -10.35
CA ASP D 133 -27.43 -4.22 -10.15
C ASP D 133 -26.73 -4.62 -8.86
N LEU D 134 -27.49 -4.84 -7.80
CA LEU D 134 -26.91 -5.31 -6.54
C LEU D 134 -26.29 -6.69 -6.69
N ALA D 135 -26.93 -7.56 -7.49
CA ALA D 135 -26.39 -8.90 -7.70
C ALA D 135 -25.07 -8.87 -8.43
N ARG D 136 -24.94 -7.99 -9.44
CA ARG D 136 -23.68 -7.90 -10.18
C ARG D 136 -22.56 -7.39 -9.28
N SER D 137 -22.87 -6.50 -8.35
CA SER D 137 -21.86 -5.98 -7.44
C SER D 137 -21.34 -7.07 -6.52
N TYR D 138 -22.23 -7.93 -6.02
CA TYR D 138 -21.82 -9.00 -5.12
C TYR D 138 -21.28 -10.22 -5.86
N GLY D 139 -21.37 -10.25 -7.19
CA GLY D 139 -20.90 -11.39 -7.95
C GLY D 139 -21.67 -12.66 -7.71
N ILE D 140 -22.93 -12.56 -7.34
CA ILE D 140 -23.78 -13.73 -7.09
C ILE D 140 -25.03 -13.62 -7.96
N PRO D 141 -25.64 -14.74 -8.35
CA PRO D 141 -26.83 -14.67 -9.19
C PRO D 141 -28.03 -14.13 -8.43
N PHE D 142 -29.01 -13.65 -9.19
CA PHE D 142 -30.27 -13.16 -8.64
C PHE D 142 -31.43 -13.87 -9.32
N ILE D 143 -32.45 -14.21 -8.53
CA ILE D 143 -33.63 -14.91 -9.03
C ILE D 143 -34.86 -14.36 -8.33
N GLU D 144 -35.92 -14.10 -9.11
CA GLU D 144 -37.19 -13.66 -8.58
C GLU D 144 -38.11 -14.86 -8.39
N THR D 145 -38.64 -15.02 -7.18
CA THR D 145 -39.38 -16.21 -6.80
C THR D 145 -40.73 -15.82 -6.21
N SER D 146 -41.61 -16.82 -6.10
CA SER D 146 -42.93 -16.64 -5.52
C SER D 146 -43.35 -17.97 -4.88
N ALA D 147 -43.41 -17.99 -3.55
CA ALA D 147 -43.75 -19.22 -2.85
C ALA D 147 -45.19 -19.65 -3.12
N LYS D 148 -46.10 -18.70 -3.31
CA LYS D 148 -47.49 -19.06 -3.59
C LYS D 148 -47.64 -19.78 -4.93
N THR D 149 -47.03 -19.22 -5.98
CA THR D 149 -47.13 -19.78 -7.33
C THR D 149 -46.02 -20.76 -7.67
N ARG D 150 -45.06 -20.98 -6.78
CA ARG D 150 -43.88 -21.80 -7.05
C ARG D 150 -43.04 -21.25 -8.20
N GLN D 151 -43.24 -19.99 -8.57
CA GLN D 151 -42.47 -19.39 -9.64
C GLN D 151 -41.03 -19.20 -9.20
N GLY D 152 -40.09 -19.74 -9.97
CA GLY D 152 -38.68 -19.57 -9.68
C GLY D 152 -38.18 -20.23 -8.42
N VAL D 153 -39.03 -20.96 -7.69
CA VAL D 153 -38.58 -21.59 -6.45
C VAL D 153 -37.56 -22.68 -6.74
N ASP D 154 -37.85 -23.54 -7.72
CA ASP D 154 -36.88 -24.57 -8.08
C ASP D 154 -35.65 -23.95 -8.74
N ASP D 155 -35.84 -22.90 -9.54
CA ASP D 155 -34.69 -22.24 -10.14
C ASP D 155 -33.80 -21.60 -9.09
N ALA D 156 -34.38 -21.16 -7.98
CA ALA D 156 -33.61 -20.47 -6.95
C ALA D 156 -32.68 -21.42 -6.23
N PHE D 157 -33.22 -22.50 -5.66
CA PHE D 157 -32.40 -23.42 -4.88
C PHE D 157 -31.38 -24.14 -5.75
N TYR D 158 -31.77 -24.54 -6.96
CA TYR D 158 -30.83 -25.22 -7.85
C TYR D 158 -29.66 -24.31 -8.21
N THR D 159 -29.92 -23.01 -8.39
CA THR D 159 -28.87 -22.07 -8.73
C THR D 159 -27.83 -21.97 -7.62
N LEU D 160 -28.27 -22.00 -6.35
CA LEU D 160 -27.31 -22.02 -5.26
C LEU D 160 -26.48 -23.30 -5.28
N VAL D 161 -27.11 -24.43 -5.60
CA VAL D 161 -26.40 -25.69 -5.70
C VAL D 161 -25.31 -25.60 -6.77
N ARG D 162 -25.61 -24.91 -7.87
CA ARG D 162 -24.61 -24.72 -8.92
C ARG D 162 -23.47 -23.85 -8.44
N GLU D 163 -23.74 -22.94 -7.49
CA GLU D 163 -22.71 -22.07 -6.94
C GLU D 163 -21.79 -22.80 -5.96
N ILE D 164 -22.34 -23.74 -5.19
CA ILE D 164 -21.51 -24.49 -4.26
C ILE D 164 -20.55 -25.40 -5.01
N ARG D 165 -21.01 -26.01 -6.11
CA ARG D 165 -20.13 -26.85 -6.92
C ARG D 165 -19.07 -26.02 -7.63
N LYS D 166 -19.48 -24.89 -8.21
CA LYS D 166 -18.51 -23.99 -8.85
C LYS D 166 -17.51 -23.43 -7.85
N HIS D 167 -17.97 -23.12 -6.64
CA HIS D 167 -17.06 -22.65 -5.61
C HIS D 167 -16.08 -23.75 -5.20
N LYS D 168 -16.58 -24.97 -5.02
CA LYS D 168 -15.73 -26.09 -4.65
C LYS D 168 -14.93 -26.64 -5.83
N GLU D 169 -15.34 -26.32 -7.05
CA GLU D 169 -14.63 -26.72 -8.26
C GLU D 169 -14.42 -28.24 -8.35
N MET E 1 -2.90 -16.85 -5.64
CA MET E 1 -2.58 -15.86 -6.66
C MET E 1 -3.10 -16.28 -8.03
N ASP E 2 -3.89 -15.40 -8.64
CA ASP E 2 -4.48 -15.67 -9.95
C ASP E 2 -3.52 -15.26 -11.06
N VAL E 3 -3.52 -16.03 -12.14
CA VAL E 3 -2.73 -15.73 -13.34
C VAL E 3 -3.68 -15.63 -14.52
N PHE E 4 -3.38 -14.70 -15.43
CA PHE E 4 -4.22 -14.42 -16.58
C PHE E 4 -3.44 -14.73 -17.85
N LEU E 5 -4.04 -15.52 -18.74
CA LEU E 5 -3.32 -16.10 -19.87
C LEU E 5 -4.07 -15.80 -21.16
N MET E 6 -3.36 -15.97 -22.28
CA MET E 6 -3.92 -15.88 -23.62
C MET E 6 -3.67 -17.20 -24.33
N ILE E 7 -4.66 -18.09 -24.27
CA ILE E 7 -4.57 -19.38 -24.95
C ILE E 7 -4.79 -19.15 -26.44
N ARG E 8 -3.74 -19.33 -27.24
CA ARG E 8 -3.77 -18.97 -28.65
C ARG E 8 -3.46 -20.20 -29.50
N ARG E 9 -4.17 -20.32 -30.62
CA ARG E 9 -3.90 -21.33 -31.62
C ARG E 9 -4.46 -20.86 -32.95
N HIS E 10 -3.61 -20.86 -33.99
CA HIS E 10 -4.00 -20.40 -35.31
C HIS E 10 -4.66 -19.02 -35.25
N LYS E 11 -5.94 -18.95 -35.61
CA LYS E 11 -6.68 -17.69 -35.63
C LYS E 11 -7.63 -17.56 -34.44
N THR E 12 -7.41 -18.33 -33.38
CA THR E 12 -8.21 -18.27 -32.17
C THR E 12 -7.36 -17.84 -30.98
N THR E 13 -7.97 -17.09 -30.06
CA THR E 13 -7.29 -16.59 -28.88
C THR E 13 -8.28 -16.59 -27.72
N ILE E 14 -7.94 -17.30 -26.65
CA ILE E 14 -8.82 -17.46 -25.49
C ILE E 14 -8.31 -16.59 -24.35
N PHE E 15 -9.22 -15.82 -23.75
CA PHE E 15 -8.93 -15.03 -22.56
C PHE E 15 -9.55 -15.73 -21.35
N THR E 16 -8.70 -16.25 -20.47
CA THR E 16 -9.17 -16.92 -19.27
C THR E 16 -8.16 -16.74 -18.15
N ASP E 17 -8.61 -17.01 -16.93
CA ASP E 17 -7.78 -16.93 -15.75
C ASP E 17 -7.69 -18.31 -15.10
N ALA E 18 -6.75 -18.42 -14.16
CA ALA E 18 -6.54 -19.66 -13.41
C ALA E 18 -5.74 -19.31 -12.15
N LYS E 19 -5.53 -20.31 -11.31
CA LYS E 19 -4.70 -20.14 -10.13
C LYS E 19 -3.27 -20.53 -10.44
N GLU E 20 -2.32 -19.77 -9.89
CA GLU E 20 -0.91 -20.06 -10.09
C GLU E 20 -0.53 -21.45 -9.62
N SER E 21 -1.30 -22.03 -8.69
CA SER E 21 -1.04 -23.38 -8.20
C SER E 21 -1.77 -24.45 -9.01
N SER E 22 -2.56 -24.08 -10.02
CA SER E 22 -3.25 -25.07 -10.82
C SER E 22 -2.30 -25.74 -11.79
N THR E 23 -2.66 -26.96 -12.19
CA THR E 23 -1.83 -27.77 -13.07
C THR E 23 -2.16 -27.51 -14.53
N VAL E 24 -1.18 -27.82 -15.39
CA VAL E 24 -1.38 -27.67 -16.83
C VAL E 24 -2.50 -28.59 -17.31
N PHE E 25 -2.59 -29.79 -16.74
CA PHE E 25 -3.66 -30.71 -17.12
C PHE E 25 -5.03 -30.14 -16.78
N GLU E 26 -5.14 -29.44 -15.65
CA GLU E 26 -6.40 -28.78 -15.31
C GLU E 26 -6.73 -27.69 -16.32
N LEU E 27 -5.71 -26.97 -16.80
CA LEU E 27 -5.95 -25.95 -17.81
C LEU E 27 -6.42 -26.55 -19.13
N LYS E 28 -5.89 -27.73 -19.48
CA LYS E 28 -6.37 -28.43 -20.67
C LYS E 28 -7.84 -28.80 -20.54
N ARG E 29 -8.30 -29.09 -19.33
CA ARG E 29 -9.72 -29.35 -19.12
C ARG E 29 -10.54 -28.08 -19.29
N ILE E 30 -9.96 -26.92 -19.00
CA ILE E 30 -10.64 -25.66 -19.25
C ILE E 30 -10.74 -25.39 -20.74
N VAL E 31 -9.67 -25.67 -21.49
CA VAL E 31 -9.71 -25.56 -22.94
C VAL E 31 -10.72 -26.52 -23.53
N GLU E 32 -10.94 -27.66 -22.87
CA GLU E 32 -11.90 -28.65 -23.36
C GLU E 32 -13.33 -28.09 -23.34
N GLY E 33 -13.68 -27.37 -22.27
CA GLY E 33 -15.01 -26.79 -22.17
C GLY E 33 -15.30 -25.67 -23.15
N ILE E 34 -14.28 -25.18 -23.86
CA ILE E 34 -14.42 -24.05 -24.77
C ILE E 34 -14.35 -24.51 -26.23
N LEU E 35 -13.29 -25.24 -26.59
CA LEU E 35 -13.06 -25.67 -27.96
C LEU E 35 -13.47 -27.12 -28.22
N LYS E 36 -13.97 -27.83 -27.19
CA LYS E 36 -14.46 -29.20 -27.33
C LYS E 36 -13.39 -30.13 -27.88
N ARG E 37 -12.26 -30.17 -27.18
CA ARG E 37 -11.13 -31.04 -27.51
C ARG E 37 -10.57 -31.64 -26.22
N PRO E 38 -10.33 -32.95 -26.19
CA PRO E 38 -9.86 -33.58 -24.95
C PRO E 38 -8.40 -33.27 -24.69
N PRO E 39 -7.93 -33.41 -23.45
CA PRO E 39 -6.51 -33.17 -23.17
C PRO E 39 -5.57 -34.12 -23.87
N ASP E 40 -6.06 -35.27 -24.34
CA ASP E 40 -5.22 -36.18 -25.12
C ASP E 40 -4.86 -35.59 -26.49
N GLU E 41 -5.66 -34.67 -27.00
CA GLU E 41 -5.42 -34.03 -28.29
C GLU E 41 -4.94 -32.59 -28.15
N GLN E 42 -4.37 -32.23 -27.00
CA GLN E 42 -3.87 -30.90 -26.75
C GLN E 42 -2.38 -30.95 -26.41
N ARG E 43 -1.65 -29.94 -26.87
CA ARG E 43 -0.24 -29.75 -26.53
C ARG E 43 -0.06 -28.29 -26.18
N LEU E 44 0.16 -27.99 -24.91
CA LEU E 44 0.33 -26.63 -24.44
C LEU E 44 1.83 -26.28 -24.40
N TYR E 45 2.17 -25.11 -24.94
CA TYR E 45 3.56 -24.67 -24.98
C TYR E 45 3.70 -23.33 -24.27
N LYS E 46 4.87 -23.13 -23.66
CA LYS E 46 5.33 -21.81 -23.22
C LYS E 46 6.47 -21.42 -24.15
N ASP E 47 6.22 -20.44 -25.02
CA ASP E 47 7.13 -20.10 -26.11
C ASP E 47 7.34 -21.32 -27.01
N ASP E 48 8.49 -21.97 -26.88
CA ASP E 48 8.80 -23.15 -27.70
C ASP E 48 9.05 -24.40 -26.86
N GLN E 49 8.77 -24.35 -25.56
CA GLN E 49 8.98 -25.48 -24.67
C GLN E 49 7.65 -26.10 -24.32
N LEU E 50 7.53 -27.42 -24.54
CA LEU E 50 6.28 -28.11 -24.27
C LEU E 50 6.03 -28.19 -22.78
N LEU E 51 4.77 -27.98 -22.38
CA LEU E 51 4.38 -28.00 -20.97
C LEU E 51 3.80 -29.37 -20.65
N ASP E 52 4.39 -30.03 -19.65
CA ASP E 52 3.89 -31.33 -19.23
C ASP E 52 2.62 -31.18 -18.41
N ASP E 53 1.64 -32.03 -18.68
CA ASP E 53 0.39 -32.03 -17.92
C ASP E 53 0.67 -32.67 -16.55
N GLY E 54 0.83 -31.83 -15.54
CA GLY E 54 1.16 -32.29 -14.21
C GLY E 54 1.96 -31.25 -13.45
N LYS E 55 2.71 -30.44 -14.18
CA LYS E 55 3.41 -29.32 -13.58
C LYS E 55 2.44 -28.17 -13.33
N THR E 56 2.77 -27.33 -12.35
CA THR E 56 1.95 -26.19 -12.04
C THR E 56 2.29 -25.00 -12.94
N LEU E 57 1.30 -24.14 -13.17
CA LEU E 57 1.49 -22.99 -14.03
C LEU E 57 2.58 -22.06 -13.52
N GLY E 58 2.76 -22.01 -12.19
CA GLY E 58 3.84 -21.20 -11.64
C GLY E 58 5.20 -21.76 -11.97
N GLU E 59 5.36 -23.09 -11.88
CA GLU E 59 6.62 -23.73 -12.25
C GLU E 59 6.89 -23.66 -13.74
N CYS E 60 5.93 -23.24 -14.56
CA CYS E 60 6.14 -23.06 -15.98
C CYS E 60 6.62 -21.66 -16.34
N GLY E 61 6.38 -20.68 -15.48
CA GLY E 61 6.82 -19.33 -15.72
C GLY E 61 5.68 -18.34 -15.76
N PHE E 62 4.54 -18.73 -15.20
CA PHE E 62 3.34 -17.90 -15.18
C PHE E 62 3.06 -17.52 -13.73
N THR E 63 3.62 -16.41 -13.29
CA THR E 63 3.51 -15.90 -11.95
C THR E 63 2.63 -14.64 -11.94
N SER E 64 2.58 -13.98 -10.79
CA SER E 64 1.79 -12.75 -10.66
C SER E 64 2.39 -11.62 -11.49
N GLN E 65 3.70 -11.65 -11.73
CA GLN E 65 4.38 -10.61 -12.49
C GLN E 65 4.57 -10.97 -13.95
N THR E 66 4.25 -12.19 -14.35
CA THR E 66 4.32 -12.58 -15.75
C THR E 66 2.95 -12.67 -16.42
N ALA E 67 1.87 -12.71 -15.65
CA ALA E 67 0.53 -12.89 -16.20
C ALA E 67 -0.45 -11.92 -15.53
N ARG E 68 -0.14 -10.62 -15.60
CA ARG E 68 -1.03 -9.61 -15.07
C ARG E 68 -2.29 -9.50 -15.93
N PRO E 69 -3.39 -9.00 -15.37
CA PRO E 69 -4.61 -8.84 -16.18
C PRO E 69 -4.44 -7.87 -17.33
N GLN E 70 -3.68 -6.79 -17.13
CA GLN E 70 -3.43 -5.82 -18.18
C GLN E 70 -2.33 -6.27 -19.14
N ALA E 71 -1.74 -7.42 -18.93
CA ALA E 71 -0.71 -7.96 -19.82
C ALA E 71 -0.63 -9.47 -19.64
N PRO E 72 -1.63 -10.22 -20.10
CA PRO E 72 -1.65 -11.66 -19.85
C PRO E 72 -0.56 -12.38 -20.64
N ALA E 73 -0.14 -13.53 -20.11
CA ALA E 73 0.88 -14.34 -20.75
C ALA E 73 0.29 -15.15 -21.89
N THR E 74 1.17 -15.65 -22.75
CA THR E 74 0.77 -16.39 -23.95
C THR E 74 1.15 -17.86 -23.80
N VAL E 75 0.16 -18.74 -23.96
CA VAL E 75 0.36 -20.18 -23.96
C VAL E 75 -0.02 -20.71 -25.35
N GLY E 76 0.88 -21.47 -25.95
CA GLY E 76 0.61 -22.02 -27.27
C GLY E 76 -0.25 -23.28 -27.18
N LEU E 77 -1.02 -23.51 -28.24
CA LEU E 77 -1.92 -24.65 -28.32
C LEU E 77 -1.75 -25.33 -29.67
N ALA E 78 -1.72 -26.67 -29.64
CA ALA E 78 -1.59 -27.47 -30.85
C ALA E 78 -2.51 -28.67 -30.72
N PHE E 79 -3.20 -29.00 -31.81
CA PHE E 79 -4.16 -30.09 -31.81
C PHE E 79 -3.64 -31.28 -32.61
N ARG E 80 -4.18 -32.45 -32.30
CA ARG E 80 -3.77 -33.67 -32.95
C ARG E 80 -4.47 -33.86 -34.29
N ALA E 81 -3.75 -34.48 -35.22
CA ALA E 81 -4.31 -34.87 -36.52
C ALA E 81 -4.37 -36.39 -36.50
N ASP E 82 -5.49 -36.91 -35.97
CA ASP E 82 -5.65 -38.34 -35.70
C ASP E 82 -4.63 -38.81 -34.69
N ASP E 83 -3.54 -39.42 -35.15
CA ASP E 83 -2.50 -39.93 -34.26
C ASP E 83 -1.32 -39.01 -34.10
N THR E 84 -1.09 -38.10 -35.03
CA THR E 84 0.06 -37.21 -35.01
C THR E 84 -0.36 -35.80 -34.62
N PHE E 85 0.45 -35.17 -33.76
CA PHE E 85 0.20 -33.78 -33.40
C PHE E 85 0.65 -32.87 -34.53
N GLU E 86 0.22 -31.62 -34.46
CA GLU E 86 0.58 -30.62 -35.47
C GLU E 86 1.66 -29.69 -34.94
N ALA E 87 2.33 -29.01 -35.87
CA ALA E 87 3.33 -28.04 -35.50
C ALA E 87 2.68 -26.79 -34.93
N LEU E 88 3.23 -26.27 -33.85
CA LEU E 88 2.69 -25.08 -33.20
C LEU E 88 2.62 -23.90 -34.16
N CYS E 89 1.40 -23.50 -34.53
CA CYS E 89 1.18 -22.36 -35.41
C CYS E 89 0.21 -21.41 -34.73
N ILE E 90 0.69 -20.21 -34.43
CA ILE E 90 -0.12 -19.15 -33.85
C ILE E 90 -0.09 -17.97 -34.81
N GLU E 91 -1.18 -17.74 -35.52
CA GLU E 91 -1.25 -16.57 -36.38
C GLU E 91 -1.07 -15.30 -35.56
N PRO E 92 -0.30 -14.33 -36.05
CA PRO E 92 -0.05 -13.10 -35.31
C PRO E 92 -1.14 -12.07 -35.57
N PHE E 93 -1.30 -11.18 -34.60
CA PHE E 93 -2.26 -10.11 -34.75
C PHE E 93 -1.78 -9.14 -35.84
N SER E 94 -2.66 -8.21 -36.20
CA SER E 94 -2.33 -7.25 -37.24
C SER E 94 -1.23 -6.31 -36.76
N SER E 95 -0.77 -5.45 -37.66
CA SER E 95 0.29 -4.53 -37.29
C SER E 95 -0.24 -3.11 -37.25
N PRO E 96 0.11 -2.33 -36.23
CA PRO E 96 -0.40 -0.96 -36.15
C PRO E 96 0.23 -0.11 -37.22
N PRO E 97 -0.45 0.95 -37.65
CA PRO E 97 0.13 1.84 -38.67
C PRO E 97 1.25 2.67 -38.07
N GLU E 98 1.98 3.37 -38.96
CA GLU E 98 3.02 4.27 -38.51
C GLU E 98 2.43 5.36 -37.63
N LEU E 99 2.97 5.51 -36.43
CA LEU E 99 2.49 6.57 -35.54
C LEU E 99 2.68 7.92 -36.21
N PRO E 100 1.67 8.78 -36.24
CA PRO E 100 1.78 10.05 -36.96
C PRO E 100 2.96 10.87 -36.46
N ASP E 101 3.51 11.68 -37.37
CA ASP E 101 4.62 12.57 -37.04
C ASP E 101 4.29 13.50 -35.90
N VAL E 102 2.99 13.68 -35.60
CA VAL E 102 2.57 14.58 -34.53
C VAL E 102 2.98 14.01 -33.17
N MET E 103 3.05 12.69 -33.05
CA MET E 103 3.40 12.06 -31.78
C MET E 103 4.91 11.91 -31.64
N MET F 2 -19.76 -19.44 -18.97
CA MET F 2 -20.41 -18.90 -20.16
C MET F 2 -19.52 -17.90 -20.87
N TYR F 3 -19.15 -18.20 -22.11
CA TYR F 3 -18.26 -17.37 -22.88
C TYR F 3 -18.96 -16.85 -24.13
N VAL F 4 -18.36 -15.83 -24.74
CA VAL F 4 -18.78 -15.30 -26.03
C VAL F 4 -17.55 -15.10 -26.89
N LYS F 5 -17.75 -15.06 -28.19
CA LYS F 5 -16.67 -14.92 -29.16
C LYS F 5 -16.75 -13.57 -29.84
N LEU F 6 -15.62 -12.87 -29.91
CA LEU F 6 -15.50 -11.57 -30.56
C LEU F 6 -14.50 -11.69 -31.69
N ILE F 7 -14.98 -11.57 -32.93
CA ILE F 7 -14.14 -11.71 -34.12
C ILE F 7 -13.77 -10.32 -34.62
N SER F 8 -12.50 -10.15 -34.98
CA SER F 8 -12.01 -8.86 -35.43
C SER F 8 -12.18 -8.74 -36.94
N SER F 9 -11.64 -7.67 -37.52
CA SER F 9 -11.82 -7.44 -38.96
C SER F 9 -11.00 -8.40 -39.80
N ASP F 10 -9.83 -8.82 -39.32
CA ASP F 10 -8.94 -9.70 -40.08
C ASP F 10 -9.14 -11.17 -39.77
N GLY F 11 -10.22 -11.53 -39.10
CA GLY F 11 -10.57 -12.94 -38.92
C GLY F 11 -10.04 -13.59 -37.65
N HIS F 12 -9.56 -12.81 -36.69
CA HIS F 12 -9.10 -13.35 -35.42
C HIS F 12 -10.28 -13.46 -34.46
N GLU F 13 -10.51 -14.67 -33.95
CA GLU F 13 -11.62 -14.94 -33.03
C GLU F 13 -11.10 -14.89 -31.60
N PHE F 14 -11.69 -14.01 -30.79
CA PHE F 14 -11.32 -13.85 -29.40
C PHE F 14 -12.44 -14.39 -28.51
N ILE F 15 -12.08 -15.29 -27.61
CA ILE F 15 -13.03 -15.94 -26.71
C ILE F 15 -12.84 -15.35 -25.32
N VAL F 16 -13.77 -14.50 -24.90
CA VAL F 16 -13.72 -13.87 -23.59
C VAL F 16 -14.96 -14.27 -22.81
N LYS F 17 -14.85 -14.23 -21.49
CA LYS F 17 -15.97 -14.56 -20.62
C LYS F 17 -17.11 -13.58 -20.86
N ARG F 18 -18.34 -14.07 -20.70
CA ARG F 18 -19.51 -13.24 -20.98
C ARG F 18 -19.59 -12.06 -20.02
N GLU F 19 -19.32 -12.29 -18.73
CA GLU F 19 -19.31 -11.19 -17.77
C GLU F 19 -18.29 -10.13 -18.15
N HIS F 20 -17.12 -10.56 -18.65
CA HIS F 20 -16.09 -9.60 -19.04
C HIS F 20 -16.50 -8.81 -20.27
N ALA F 21 -17.18 -9.46 -21.22
CA ALA F 21 -17.60 -8.77 -22.44
C ALA F 21 -18.65 -7.69 -22.13
N LEU F 22 -19.49 -7.92 -21.13
CA LEU F 22 -20.52 -6.96 -20.75
C LEU F 22 -19.95 -5.65 -20.21
N THR F 23 -18.63 -5.55 -20.07
CA THR F 23 -18.03 -4.31 -19.59
C THR F 23 -18.32 -3.13 -20.52
N SER F 24 -18.47 -3.41 -21.82
CA SER F 24 -18.82 -2.37 -22.78
C SER F 24 -20.33 -2.32 -22.97
N GLY F 25 -20.86 -1.11 -23.12
CA GLY F 25 -22.29 -0.95 -23.24
C GLY F 25 -22.85 -1.46 -24.56
N THR F 26 -22.09 -1.30 -25.64
CA THR F 26 -22.57 -1.72 -26.96
C THR F 26 -22.75 -3.23 -27.03
N ILE F 27 -21.80 -3.99 -26.48
CA ILE F 27 -21.93 -5.44 -26.47
C ILE F 27 -23.05 -5.86 -25.50
N LYS F 28 -23.23 -5.11 -24.41
CA LYS F 28 -24.31 -5.42 -23.48
C LYS F 28 -25.67 -5.20 -24.12
N ALA F 29 -25.81 -4.15 -24.94
CA ALA F 29 -27.08 -3.90 -25.61
C ALA F 29 -27.38 -4.96 -26.67
N MET F 30 -26.34 -5.48 -27.32
CA MET F 30 -26.53 -6.51 -28.34
C MET F 30 -26.99 -7.82 -27.71
N LEU F 31 -26.49 -8.13 -26.52
CA LEU F 31 -26.85 -9.36 -25.81
C LEU F 31 -27.68 -9.04 -24.57
N THR F 42 -26.62 -14.66 -30.39
CA THR F 42 -26.48 -13.86 -29.18
C THR F 42 -25.28 -14.31 -28.36
N ASN F 43 -24.33 -14.99 -29.03
CA ASN F 43 -23.12 -15.44 -28.35
C ASN F 43 -21.87 -15.26 -29.19
N GLU F 44 -21.96 -14.54 -30.32
CA GLU F 44 -20.81 -14.27 -31.17
C GLU F 44 -21.06 -12.95 -31.89
N VAL F 45 -20.11 -12.03 -31.81
CA VAL F 45 -20.22 -10.73 -32.46
C VAL F 45 -18.90 -10.42 -33.16
N ASN F 46 -18.98 -9.81 -34.34
CA ASN F 46 -17.81 -9.42 -35.11
C ASN F 46 -17.84 -7.91 -35.36
N PHE F 47 -16.66 -7.33 -35.48
CA PHE F 47 -16.49 -5.90 -35.72
C PHE F 47 -15.72 -5.72 -37.02
N ARG F 48 -16.39 -5.18 -38.03
CA ARG F 48 -15.78 -5.01 -39.35
C ARG F 48 -14.78 -3.87 -39.42
N GLU F 49 -14.65 -3.07 -38.35
CA GLU F 49 -13.77 -1.91 -38.35
C GLU F 49 -12.81 -1.93 -37.16
N ILE F 50 -12.67 -3.07 -36.48
CA ILE F 50 -11.76 -3.18 -35.35
C ILE F 50 -10.70 -4.23 -35.66
N PRO F 51 -9.44 -3.84 -35.82
CA PRO F 51 -8.39 -4.82 -36.13
C PRO F 51 -8.12 -5.75 -34.96
N SER F 52 -7.35 -6.80 -35.24
CA SER F 52 -7.08 -7.81 -34.23
C SER F 52 -6.24 -7.26 -33.09
N HIS F 53 -5.19 -6.50 -33.41
CA HIS F 53 -4.30 -5.98 -32.38
C HIS F 53 -4.99 -4.93 -31.50
N VAL F 54 -6.02 -4.28 -32.01
CA VAL F 54 -6.78 -3.32 -31.20
C VAL F 54 -7.86 -4.01 -30.38
N LEU F 55 -8.49 -5.06 -30.92
CA LEU F 55 -9.53 -5.77 -30.19
C LEU F 55 -8.93 -6.62 -29.06
N SER F 56 -7.72 -7.14 -29.24
CA SER F 56 -7.08 -7.89 -28.18
C SER F 56 -6.84 -7.01 -26.95
N LYS F 57 -6.39 -5.77 -27.17
CA LYS F 57 -6.20 -4.84 -26.06
C LYS F 57 -7.50 -4.58 -25.33
N VAL F 58 -8.62 -4.49 -26.06
CA VAL F 58 -9.91 -4.27 -25.42
C VAL F 58 -10.26 -5.45 -24.52
N CYS F 59 -9.98 -6.67 -24.98
CA CYS F 59 -10.21 -7.84 -24.15
C CYS F 59 -9.29 -7.85 -22.92
N MET F 60 -8.06 -7.34 -23.07
CA MET F 60 -7.19 -7.18 -21.91
C MET F 60 -7.79 -6.18 -20.92
N TYR F 61 -8.44 -5.13 -21.43
CA TYR F 61 -9.11 -4.18 -20.55
C TYR F 61 -10.28 -4.84 -19.82
N PHE F 62 -11.04 -5.68 -20.52
CA PHE F 62 -12.17 -6.37 -19.89
C PHE F 62 -11.71 -7.14 -18.64
N THR F 63 -10.72 -8.02 -18.81
CA THR F 63 -10.18 -8.73 -17.66
C THR F 63 -9.56 -7.79 -16.65
N TYR F 64 -9.00 -6.67 -17.11
CA TYR F 64 -8.40 -5.70 -16.20
C TYR F 64 -9.47 -4.96 -15.41
N LYS F 65 -10.61 -4.65 -16.04
CA LYS F 65 -11.66 -3.90 -15.36
C LYS F 65 -12.35 -4.75 -14.31
N VAL F 66 -12.67 -6.01 -14.64
CA VAL F 66 -13.36 -6.88 -13.70
C VAL F 66 -12.45 -7.24 -12.53
N ARG F 67 -11.16 -7.42 -12.79
CA ARG F 67 -10.24 -7.86 -11.73
C ARG F 67 -9.98 -6.76 -10.72
N TYR F 68 -9.83 -5.52 -11.16
CA TYR F 68 -9.38 -4.45 -10.29
C TYR F 68 -10.49 -3.51 -9.84
N THR F 69 -11.73 -3.74 -10.27
CA THR F 69 -12.85 -3.08 -9.64
C THR F 69 -13.07 -3.70 -8.27
N ASN F 70 -13.64 -2.91 -7.36
CA ASN F 70 -13.87 -3.27 -5.96
C ASN F 70 -12.57 -3.41 -5.16
N SER F 71 -11.41 -3.27 -5.79
CA SER F 71 -10.15 -3.29 -5.04
C SER F 71 -10.05 -2.04 -4.19
N SER F 72 -9.53 -2.20 -2.97
CA SER F 72 -9.57 -1.14 -1.98
C SER F 72 -8.21 -0.70 -1.47
N THR F 73 -7.11 -1.24 -2.01
CA THR F 73 -5.77 -0.86 -1.56
C THR F 73 -4.93 -0.26 -2.69
N GLU F 74 -4.70 -1.00 -3.77
CA GLU F 74 -3.88 -0.48 -4.85
C GLU F 74 -4.23 -1.18 -6.15
N ILE F 75 -4.31 -0.41 -7.24
CA ILE F 75 -4.58 -0.94 -8.58
C ILE F 75 -3.43 -0.51 -9.48
N PRO F 76 -3.00 -1.36 -10.43
CA PRO F 76 -1.94 -0.96 -11.36
C PRO F 76 -2.47 -0.19 -12.57
N GLU F 77 -1.54 0.45 -13.27
CA GLU F 77 -1.85 1.23 -14.46
C GLU F 77 -2.09 0.31 -15.65
N PHE F 78 -3.04 0.68 -16.49
CA PHE F 78 -3.30 -0.05 -17.73
C PHE F 78 -2.37 0.49 -18.81
N PRO F 79 -1.41 -0.30 -19.30
CA PRO F 79 -0.45 0.22 -20.28
C PRO F 79 -1.01 0.29 -21.69
N ILE F 80 -0.70 1.38 -22.38
CA ILE F 80 -1.11 1.59 -23.76
C ILE F 80 0.09 2.13 -24.55
N ALA F 81 0.53 1.37 -25.55
CA ALA F 81 1.65 1.79 -26.37
C ALA F 81 1.27 3.01 -27.20
N PRO F 82 2.25 3.84 -27.59
CA PRO F 82 1.93 4.99 -28.45
C PRO F 82 1.37 4.61 -29.80
N GLU F 83 1.88 3.54 -30.41
CA GLU F 83 1.40 3.12 -31.73
C GLU F 83 -0.03 2.58 -31.69
N ILE F 84 -0.56 2.29 -30.50
CA ILE F 84 -1.90 1.74 -30.35
C ILE F 84 -2.90 2.77 -29.85
N ALA F 85 -2.45 3.87 -29.23
CA ALA F 85 -3.33 4.77 -28.50
C ALA F 85 -4.47 5.28 -29.38
N LEU F 86 -4.15 5.73 -30.60
CA LEU F 86 -5.18 6.33 -31.45
C LEU F 86 -6.20 5.29 -31.91
N GLU F 87 -5.73 4.14 -32.39
CA GLU F 87 -6.64 3.08 -32.82
C GLU F 87 -7.48 2.56 -31.66
N LEU F 88 -6.88 2.42 -30.48
CA LEU F 88 -7.62 1.93 -29.33
C LEU F 88 -8.65 2.95 -28.85
N LEU F 89 -8.35 4.25 -28.98
CA LEU F 89 -9.31 5.27 -28.59
C LEU F 89 -10.59 5.20 -29.41
N MET F 90 -10.46 5.01 -30.73
CA MET F 90 -11.64 4.90 -31.57
C MET F 90 -12.47 3.68 -31.21
N ALA F 91 -11.81 2.56 -30.90
CA ALA F 91 -12.52 1.38 -30.45
C ALA F 91 -13.20 1.62 -29.11
N ALA F 92 -12.52 2.33 -28.20
CA ALA F 92 -13.10 2.62 -26.90
C ALA F 92 -14.31 3.53 -27.01
N ASN F 93 -14.24 4.56 -27.87
CA ASN F 93 -15.38 5.44 -28.07
C ASN F 93 -16.54 4.69 -28.72
N PHE F 94 -16.24 3.77 -29.64
CA PHE F 94 -17.30 3.01 -30.30
C PHE F 94 -17.90 1.96 -29.37
N LEU F 95 -17.11 1.40 -28.45
CA LEU F 95 -17.60 0.36 -27.56
C LEU F 95 -18.21 0.90 -26.27
N ASP F 96 -17.94 2.17 -25.92
CA ASP F 96 -18.45 2.79 -24.70
C ASP F 96 -18.03 1.99 -23.47
N CYS F 97 -16.73 2.01 -23.21
CA CYS F 97 -16.17 1.30 -22.06
C CYS F 97 -14.93 2.01 -21.54
N ARG G 9 -21.77 30.68 0.81
CA ARG G 9 -20.43 30.11 0.72
C ARG G 9 -20.45 28.86 -0.15
N PRO G 10 -19.44 28.68 -0.99
CA PRO G 10 -19.35 27.46 -1.79
C PRO G 10 -19.40 26.24 -0.87
N VAL G 11 -20.15 25.23 -1.30
CA VAL G 11 -20.39 24.06 -0.44
C VAL G 11 -19.10 23.32 -0.17
N LEU G 12 -18.27 23.13 -1.20
CA LEU G 12 -17.01 22.41 -1.05
C LEU G 12 -15.97 23.40 -0.53
N ARG G 13 -15.86 23.49 0.80
CA ARG G 13 -14.90 24.35 1.45
C ARG G 13 -14.51 23.74 2.78
N SER G 14 -13.36 24.16 3.28
CA SER G 14 -12.84 23.65 4.55
C SER G 14 -13.42 24.45 5.72
N VAL G 15 -13.41 23.81 6.88
CA VAL G 15 -13.92 24.41 8.11
C VAL G 15 -12.75 24.90 8.94
N ASN G 16 -12.90 26.08 9.55
CA ASN G 16 -11.86 26.65 10.40
C ASN G 16 -11.99 26.09 11.82
N SER G 17 -11.85 24.77 11.91
CA SER G 17 -12.01 24.10 13.21
C SER G 17 -10.84 24.41 14.13
N ARG G 18 -9.65 24.62 13.58
CA ARG G 18 -8.42 24.87 14.33
C ARG G 18 -8.04 23.71 15.25
N GLU G 19 -8.67 22.55 15.10
CA GLU G 19 -8.35 21.38 15.87
C GLU G 19 -7.41 20.50 15.06
N PRO G 20 -6.17 20.29 15.51
CA PRO G 20 -5.21 19.55 14.68
C PRO G 20 -5.55 18.09 14.58
N SER G 21 -5.19 17.50 13.44
CA SER G 21 -5.38 16.08 13.20
C SER G 21 -4.26 15.59 12.29
N GLN G 22 -3.44 14.67 12.79
CA GLN G 22 -2.33 14.16 12.00
C GLN G 22 -2.85 13.19 10.94
N VAL G 23 -2.47 13.44 9.69
CA VAL G 23 -2.91 12.65 8.56
C VAL G 23 -1.68 12.04 7.88
N ILE G 24 -1.82 10.81 7.40
CA ILE G 24 -0.74 10.12 6.68
C ILE G 24 -1.13 10.07 5.21
N PHE G 25 -0.33 10.71 4.37
CA PHE G 25 -0.53 10.67 2.93
C PHE G 25 0.24 9.49 2.37
N CYS G 26 -0.48 8.55 1.77
CA CYS G 26 0.11 7.34 1.21
C CYS G 26 -0.23 7.26 -0.28
N ASN G 27 0.81 7.24 -1.12
CA ASN G 27 0.63 7.22 -2.57
C ASN G 27 0.91 5.81 -3.07
N ARG G 28 -0.15 5.04 -3.30
CA ARG G 28 -0.05 3.72 -3.90
C ARG G 28 -0.50 3.73 -5.36
N SER G 29 -0.30 4.85 -6.06
CA SER G 29 -0.53 4.98 -7.47
C SER G 29 0.80 5.17 -8.20
N PRO G 30 0.93 4.69 -9.43
CA PRO G 30 2.20 4.87 -10.17
C PRO G 30 2.38 6.29 -10.67
N ARG G 31 1.57 7.22 -10.18
CA ARG G 31 1.61 8.62 -10.58
C ARG G 31 2.18 9.47 -9.46
N VAL G 32 2.68 10.65 -9.82
CA VAL G 32 3.12 11.63 -8.84
C VAL G 32 1.89 12.40 -8.38
N VAL G 33 1.50 12.20 -7.13
CA VAL G 33 0.23 12.74 -6.63
C VAL G 33 0.43 14.19 -6.21
N LEU G 34 -0.50 15.05 -6.61
CA LEU G 34 -0.55 16.44 -6.18
C LEU G 34 -1.66 16.61 -5.16
N PRO G 35 -1.37 16.67 -3.87
CA PRO G 35 -2.41 16.93 -2.86
C PRO G 35 -2.95 18.34 -3.03
N VAL G 36 -4.27 18.44 -3.20
CA VAL G 36 -4.95 19.70 -3.41
C VAL G 36 -5.84 19.97 -2.21
N TRP G 37 -5.64 21.12 -1.58
CA TRP G 37 -6.39 21.51 -0.39
C TRP G 37 -7.36 22.63 -0.73
N LEU G 38 -8.64 22.41 -0.44
CA LEU G 38 -9.65 23.44 -0.59
C LEU G 38 -9.63 24.35 0.65
N ASN G 39 -9.37 25.63 0.44
CA ASN G 39 -9.27 26.56 1.55
C ASN G 39 -10.64 26.86 2.13
N PHE G 40 -10.75 27.92 2.93
CA PHE G 40 -12.00 28.22 3.60
C PHE G 40 -13.03 28.90 2.71
N ASP G 41 -12.70 29.13 1.43
CA ASP G 41 -13.67 29.67 0.47
C ASP G 41 -13.81 28.79 -0.76
N GLY G 42 -13.29 27.56 -0.73
CA GLY G 42 -13.41 26.65 -1.86
C GLY G 42 -12.36 26.81 -2.94
N GLU G 43 -11.36 27.64 -2.73
CA GLU G 43 -10.31 27.83 -3.73
C GLU G 43 -9.22 26.79 -3.54
N PRO G 44 -8.91 25.97 -4.55
CA PRO G 44 -7.90 24.93 -4.38
C PRO G 44 -6.51 25.51 -4.20
N GLN G 45 -5.71 24.85 -3.36
CA GLN G 45 -4.33 25.25 -3.09
C GLN G 45 -3.42 24.06 -3.33
N PRO G 46 -2.37 24.22 -4.12
CA PRO G 46 -1.42 23.12 -4.33
C PRO G 46 -0.50 22.93 -3.14
N TYR G 47 -0.05 21.70 -2.96
CA TYR G 47 0.82 21.30 -1.86
C TYR G 47 1.96 20.46 -2.42
N PRO G 48 3.00 20.21 -1.62
CA PRO G 48 4.11 19.37 -2.09
C PRO G 48 3.63 18.02 -2.61
N THR G 49 4.30 17.53 -3.64
CA THR G 49 3.90 16.31 -4.32
C THR G 49 4.45 15.08 -3.62
N LEU G 50 3.81 13.95 -3.87
CA LEU G 50 4.21 12.67 -3.28
C LEU G 50 4.66 11.71 -4.38
N PRO G 51 5.92 11.32 -4.43
CA PRO G 51 6.38 10.33 -5.40
C PRO G 51 5.67 9.00 -5.20
N PRO G 52 5.66 8.12 -6.21
CA PRO G 52 4.99 6.83 -6.05
C PRO G 52 5.67 5.98 -4.98
N GLY G 53 4.85 5.29 -4.19
CA GLY G 53 5.36 4.46 -3.13
C GLY G 53 5.84 5.20 -1.90
N THR G 54 5.46 6.47 -1.76
CA THR G 54 5.93 7.31 -0.66
C THR G 54 4.80 7.53 0.35
N GLY G 55 5.17 7.62 1.60
CA GLY G 55 4.22 7.96 2.66
C GLY G 55 4.77 9.08 3.52
N ARG G 56 3.90 10.01 3.87
CA ARG G 56 4.33 11.21 4.58
C ARG G 56 3.28 11.63 5.60
N ARG G 57 3.70 11.87 6.84
CA ARG G 57 2.81 12.45 7.84
C ARG G 57 2.66 13.95 7.60
N ILE G 58 1.41 14.40 7.52
CA ILE G 58 1.08 15.79 7.29
C ILE G 58 0.21 16.28 8.44
N HIS G 59 0.37 17.56 8.79
CA HIS G 59 -0.39 18.17 9.87
C HIS G 59 -1.56 18.94 9.27
N SER G 60 -2.78 18.43 9.49
CA SER G 60 -3.99 19.07 8.99
C SER G 60 -4.97 19.28 10.13
N TYR G 61 -6.19 19.69 9.81
CA TYR G 61 -7.18 20.03 10.82
C TYR G 61 -8.51 19.37 10.50
N ARG G 62 -9.31 19.17 11.54
CA ARG G 62 -10.60 18.52 11.39
C ARG G 62 -11.52 19.35 10.50
N GLY G 63 -12.26 18.67 9.64
CA GLY G 63 -13.20 19.33 8.76
C GLY G 63 -12.61 19.88 7.48
N HIS G 64 -11.30 19.82 7.31
CA HIS G 64 -10.67 20.31 6.09
C HIS G 64 -10.88 19.34 4.93
N LEU G 65 -11.03 19.90 3.74
CA LEU G 65 -11.26 19.12 2.53
C LEU G 65 -9.95 18.93 1.77
N TRP G 66 -9.84 17.79 1.11
CA TRP G 66 -8.66 17.45 0.32
C TRP G 66 -9.06 16.77 -0.97
N LEU G 67 -8.28 17.05 -2.02
CA LEU G 67 -8.36 16.33 -3.28
C LEU G 67 -6.95 16.00 -3.75
N PHE G 68 -6.86 15.00 -4.61
CA PHE G 68 -5.57 14.50 -5.07
C PHE G 68 -5.65 14.29 -6.58
N ARG G 69 -4.69 14.86 -7.31
CA ARG G 69 -4.65 14.75 -8.75
C ARG G 69 -3.23 14.40 -9.19
N ASP G 70 -3.11 13.98 -10.45
CA ASP G 70 -1.79 13.74 -11.02
C ASP G 70 -1.05 15.05 -11.18
N ALA G 71 0.18 15.11 -10.65
CA ALA G 71 0.93 16.36 -10.66
C ALA G 71 1.17 16.88 -12.07
N GLY G 72 1.31 15.98 -13.05
CA GLY G 72 1.62 16.40 -14.40
C GLY G 72 0.40 16.53 -15.30
N THR G 73 -0.57 15.64 -15.15
CA THR G 73 -1.74 15.61 -16.03
C THR G 73 -3.03 16.06 -15.36
N HIS G 74 -3.05 16.19 -14.03
CA HIS G 74 -4.22 16.61 -13.26
C HIS G 74 -5.40 15.66 -13.45
N ASP G 75 -5.12 14.39 -13.70
CA ASP G 75 -6.16 13.39 -13.75
C ASP G 75 -6.76 13.16 -12.36
N GLY G 76 -7.99 12.65 -12.34
CA GLY G 76 -8.64 12.37 -11.08
C GLY G 76 -8.03 11.17 -10.37
N LEU G 77 -8.02 11.25 -9.04
CA LEU G 77 -7.50 10.18 -8.20
C LEU G 77 -8.44 9.89 -7.05
N LEU G 78 -8.23 8.74 -6.43
CA LEU G 78 -9.02 8.28 -5.28
C LEU G 78 -8.16 8.33 -4.03
N VAL G 79 -8.77 8.77 -2.93
CA VAL G 79 -8.08 8.86 -1.65
C VAL G 79 -8.54 7.77 -0.68
N ASN G 80 -9.78 7.31 -0.79
CA ASN G 80 -10.30 6.22 0.02
C ASN G 80 -11.38 5.52 -0.81
N GLN G 81 -11.08 5.28 -2.09
CA GLN G 81 -12.06 4.83 -3.07
C GLN G 81 -13.15 5.88 -3.26
N THR G 82 -12.80 7.12 -2.96
CA THR G 82 -13.65 8.29 -3.16
C THR G 82 -12.76 9.45 -3.56
N GLU G 83 -13.39 10.53 -4.05
CA GLU G 83 -12.62 11.67 -4.55
C GLU G 83 -12.29 12.69 -3.46
N LEU G 84 -13.11 12.80 -2.43
CA LEU G 84 -12.90 13.79 -1.37
C LEU G 84 -12.50 13.11 -0.07
N PHE G 85 -11.66 13.80 0.70
CA PHE G 85 -11.13 13.30 1.96
C PHE G 85 -11.37 14.33 3.05
N VAL G 86 -12.09 13.94 4.09
CA VAL G 86 -12.30 14.80 5.25
C VAL G 86 -11.79 14.09 6.49
N PRO G 87 -10.69 14.54 7.08
CA PRO G 87 -10.21 13.89 8.30
C PRO G 87 -11.09 14.24 9.49
N SER G 88 -11.34 13.24 10.33
CA SER G 88 -12.06 13.46 11.57
C SER G 88 -11.08 14.01 12.61
N LEU G 89 -11.47 13.98 13.88
CA LEU G 89 -10.58 14.33 14.96
C LEU G 89 -9.83 13.08 15.41
N ASN G 90 -8.54 13.23 15.68
CA ASN G 90 -7.69 12.10 16.04
C ASN G 90 -8.21 11.39 17.28
N VAL G 91 -8.69 10.15 17.10
CA VAL G 91 -9.21 9.35 18.20
C VAL G 91 -8.04 8.81 19.00
N ASP G 92 -7.81 9.35 20.20
CA ASP G 92 -6.73 8.92 21.08
C ASP G 92 -5.37 9.04 20.41
N GLY G 93 -5.20 10.08 19.59
CA GLY G 93 -3.95 10.31 18.91
C GLY G 93 -3.71 9.44 17.70
N GLN G 94 -4.56 8.45 17.45
CA GLN G 94 -4.41 7.58 16.30
C GLN G 94 -4.56 8.39 15.02
N PRO G 95 -3.55 8.44 14.16
CA PRO G 95 -3.65 9.26 12.94
C PRO G 95 -4.69 8.72 11.98
N ILE G 96 -5.12 9.59 11.08
CA ILE G 96 -6.11 9.26 10.06
C ILE G 96 -5.36 8.99 8.75
N PHE G 97 -5.74 7.94 8.04
CA PHE G 97 -4.99 7.46 6.90
C PHE G 97 -5.65 7.91 5.59
N ALA G 98 -4.82 8.31 4.63
CA ALA G 98 -5.27 8.72 3.31
C ALA G 98 -4.50 7.90 2.28
N ASN G 99 -5.19 6.94 1.65
CA ASN G 99 -4.56 5.95 0.77
C ASN G 99 -4.88 6.30 -0.68
N ILE G 100 -3.93 6.94 -1.36
CA ILE G 100 -4.15 7.41 -2.72
C ILE G 100 -3.94 6.27 -3.70
N THR G 101 -4.94 6.00 -4.53
CA THR G 101 -4.88 4.94 -5.54
C THR G 101 -5.32 5.49 -6.88
N LEU G 102 -5.01 4.74 -7.92
CA LEU G 102 -5.56 5.00 -9.24
C LEU G 102 -7.02 4.56 -9.31
N PRO G 103 -7.89 5.35 -9.91
CA PRO G 103 -9.24 4.86 -10.23
C PRO G 103 -9.20 3.94 -11.43
N VAL G 104 -10.15 3.00 -11.45
CA VAL G 104 -10.30 2.11 -12.60
C VAL G 104 -10.86 2.93 -13.76
N TYR G 105 -9.98 3.63 -14.47
CA TYR G 105 -10.42 4.50 -15.55
C TYR G 105 -11.17 3.72 -16.62
N THR G 106 -12.08 4.41 -17.30
CA THR G 106 -12.68 3.84 -18.50
C THR G 106 -11.62 3.77 -19.61
N LEU G 107 -11.76 2.77 -20.47
CA LEU G 107 -10.81 2.63 -21.58
C LEU G 107 -10.82 3.86 -22.47
N LYS G 108 -11.96 4.55 -22.56
CA LYS G 108 -12.03 5.80 -23.31
C LYS G 108 -11.18 6.88 -22.64
N GLU G 109 -11.36 7.07 -21.34
CA GLU G 109 -10.60 8.10 -20.63
C GLU G 109 -9.12 7.74 -20.54
N ARG G 110 -8.81 6.45 -20.37
CA ARG G 110 -7.41 6.03 -20.31
C ARG G 110 -6.69 6.30 -21.62
N CYS G 111 -7.36 6.07 -22.75
CA CYS G 111 -6.76 6.38 -24.05
C CYS G 111 -6.53 7.87 -24.20
N LEU G 112 -7.45 8.69 -23.69
CA LEU G 112 -7.28 10.15 -23.79
C LEU G 112 -6.01 10.62 -23.09
N GLN G 113 -5.71 10.07 -21.91
CA GLN G 113 -4.50 10.45 -21.19
C GLN G 113 -3.26 10.15 -22.01
N VAL G 114 -3.22 8.98 -22.65
CA VAL G 114 -2.05 8.60 -23.45
C VAL G 114 -1.90 9.53 -24.64
N VAL G 115 -3.01 9.89 -25.29
CA VAL G 115 -2.95 10.75 -26.47
C VAL G 115 -2.50 12.16 -26.07
N ARG G 116 -3.02 12.68 -24.96
CA ARG G 116 -2.61 13.99 -24.49
C ARG G 116 -1.12 14.03 -24.16
N SER G 117 -0.59 12.93 -23.62
CA SER G 117 0.81 12.84 -23.25
C SER G 117 1.75 12.59 -24.43
N LEU G 118 1.21 12.54 -25.65
CA LEU G 118 2.01 12.35 -26.85
C LEU G 118 1.82 13.43 -27.90
N VAL G 119 0.77 14.23 -27.79
CA VAL G 119 0.45 15.27 -28.77
C VAL G 119 0.28 16.59 -28.03
N LYS G 120 0.86 17.64 -28.59
CA LYS G 120 0.67 18.97 -28.02
C LYS G 120 -0.79 19.39 -28.14
N PRO G 121 -1.29 20.18 -27.18
CA PRO G 121 -2.70 20.59 -27.23
C PRO G 121 -3.07 21.35 -28.49
N GLU G 122 -2.11 21.97 -29.17
CA GLU G 122 -2.41 22.69 -30.41
C GLU G 122 -2.60 21.75 -31.60
N ASN G 123 -1.92 20.61 -31.59
CA ASN G 123 -1.95 19.67 -32.72
C ASN G 123 -2.96 18.55 -32.52
N TYR G 124 -3.99 18.77 -31.70
CA TYR G 124 -4.98 17.73 -31.46
C TYR G 124 -5.83 17.46 -32.70
N ARG G 125 -6.29 18.51 -33.37
CA ARG G 125 -7.25 18.39 -34.47
C ARG G 125 -6.61 17.98 -35.79
N ARG G 126 -5.37 17.51 -35.80
CA ARG G 126 -4.73 17.03 -37.02
C ARG G 126 -4.78 15.51 -37.14
N LEU G 127 -5.53 14.84 -36.29
CA LEU G 127 -5.63 13.39 -36.30
C LEU G 127 -6.90 12.96 -37.02
N ASP G 128 -6.82 11.83 -37.72
CA ASP G 128 -7.93 11.30 -38.49
C ASP G 128 -8.95 10.60 -37.59
N ILE G 129 -9.54 11.38 -36.69
CA ILE G 129 -10.55 10.89 -35.76
C ILE G 129 -11.81 11.72 -35.92
N VAL G 130 -12.89 11.24 -35.29
CA VAL G 130 -14.19 11.90 -35.41
C VAL G 130 -14.17 13.26 -34.73
N ARG G 131 -15.06 14.14 -35.19
CA ARG G 131 -15.13 15.50 -34.64
C ARG G 131 -15.51 15.50 -33.17
N SER G 132 -16.21 14.46 -32.71
CA SER G 132 -16.59 14.40 -31.30
C SER G 132 -15.37 14.13 -30.42
N LEU G 133 -14.40 13.36 -30.92
CA LEU G 133 -13.21 13.08 -30.14
C LEU G 133 -12.28 14.29 -30.02
N TYR G 134 -12.38 15.23 -30.95
CA TYR G 134 -11.63 16.48 -30.81
C TYR G 134 -12.08 17.25 -29.56
N GLU G 135 -13.40 17.42 -29.40
CA GLU G 135 -13.91 18.11 -28.23
C GLU G 135 -13.64 17.31 -26.95
N ASP G 136 -13.73 15.98 -27.04
CA ASP G 136 -13.44 15.13 -25.88
C ASP G 136 -11.99 15.23 -25.46
N LEU G 137 -11.08 15.39 -26.42
CA LEU G 137 -9.65 15.44 -26.11
C LEU G 137 -9.27 16.74 -25.41
N GLU G 138 -9.76 17.87 -25.92
CA GLU G 138 -9.41 19.17 -25.37
C GLU G 138 -10.10 19.48 -24.05
N ASP G 139 -10.91 18.56 -23.52
CA ASP G 139 -11.49 18.72 -22.18
C ASP G 139 -10.58 18.08 -21.14
N HIS G 140 -9.42 18.72 -20.95
CA HIS G 140 -8.46 18.23 -19.98
C HIS G 140 -9.07 18.25 -18.58
N PRO G 141 -8.72 17.27 -17.75
CA PRO G 141 -9.25 17.26 -16.37
C PRO G 141 -8.63 18.36 -15.53
N ASN G 142 -9.46 18.99 -14.72
CA ASN G 142 -9.00 19.98 -13.75
C ASN G 142 -9.82 19.87 -12.48
N VAL G 143 -9.39 20.59 -11.45
CA VAL G 143 -10.11 20.58 -10.18
C VAL G 143 -11.37 21.43 -10.27
N GLN G 144 -11.36 22.47 -11.10
CA GLN G 144 -12.49 23.41 -11.14
C GLN G 144 -13.75 22.74 -11.65
N LYS G 145 -13.67 22.02 -12.77
CA LYS G 145 -14.86 21.39 -13.34
C LYS G 145 -15.42 20.31 -12.42
N ASP G 146 -14.54 19.58 -11.73
CA ASP G 146 -15.02 18.56 -10.80
C ASP G 146 -15.70 19.17 -9.58
N LEU G 147 -15.12 20.24 -9.02
CA LEU G 147 -15.71 20.88 -7.85
C LEU G 147 -17.15 21.30 -8.08
N GLU G 148 -17.49 21.72 -9.30
CA GLU G 148 -18.88 22.04 -9.61
C GLU G 148 -19.76 20.80 -9.60
N ARG G 149 -19.22 19.66 -10.06
CA ARG G 149 -20.01 18.44 -10.12
C ARG G 149 -20.26 17.87 -8.73
N LEU G 150 -19.22 17.78 -7.91
CA LEU G 150 -19.37 17.22 -6.56
C LEU G 150 -20.29 18.04 -5.68
N THR G 151 -20.46 19.34 -5.97
CA THR G 151 -21.41 20.14 -5.21
C THR G 151 -22.83 19.64 -5.44
N GLN G 152 -23.24 19.53 -6.70
CA GLN G 152 -24.57 19.01 -7.01
C GLN G 152 -24.71 17.55 -6.62
N GLU G 153 -23.60 16.80 -6.63
CA GLU G 153 -23.62 15.40 -6.24
C GLU G 153 -23.85 15.22 -4.74
N ARG G 154 -23.58 16.26 -3.94
CA ARG G 154 -23.72 16.17 -2.48
C ARG G 154 -25.14 16.40 -2.00
N ILE G 155 -26.05 16.88 -2.86
CA ILE G 155 -27.45 17.04 -2.47
C ILE G 155 -28.05 15.70 -2.07
N THR H 3 26.57 37.42 -6.60
CA THR H 3 25.45 36.54 -6.36
C THR H 3 24.71 36.96 -5.09
N GLU H 4 23.38 36.98 -5.17
CA GLU H 4 22.53 37.40 -4.07
C GLU H 4 21.91 36.20 -3.35
N TYR H 5 21.67 36.37 -2.06
CA TYR H 5 21.10 35.32 -1.21
C TYR H 5 19.89 35.90 -0.50
N LYS H 6 18.72 35.29 -0.73
CA LYS H 6 17.48 35.73 -0.08
C LYS H 6 17.24 34.86 1.15
N LEU H 7 17.54 35.40 2.33
CA LEU H 7 17.37 34.71 3.59
C LEU H 7 16.30 35.40 4.43
N VAL H 8 15.55 34.61 5.20
CA VAL H 8 14.53 35.13 6.10
C VAL H 8 14.68 34.46 7.46
N VAL H 9 14.41 35.22 8.52
CA VAL H 9 14.51 34.74 9.90
C VAL H 9 13.11 34.66 10.47
N VAL H 10 12.71 33.45 10.89
CA VAL H 10 11.39 33.20 11.42
C VAL H 10 11.51 32.55 12.80
N GLY H 11 10.39 32.53 13.51
CA GLY H 11 10.35 31.96 14.85
C GLY H 11 9.17 32.54 15.61
N ALA H 12 9.01 32.04 16.84
CA ALA H 12 7.94 32.52 17.69
C ALA H 12 8.15 33.99 18.04
N ARG H 13 7.09 34.63 18.52
CA ARG H 13 7.16 36.04 18.88
C ARG H 13 8.02 36.22 20.11
N GLY H 14 9.08 37.01 20.00
CA GLY H 14 9.98 37.25 21.11
C GLY H 14 11.15 36.31 21.20
N VAL H 15 11.50 35.62 20.12
CA VAL H 15 12.63 34.70 20.13
C VAL H 15 13.97 35.40 19.86
N GLY H 16 13.96 36.54 19.17
CA GLY H 16 15.18 37.26 18.90
C GLY H 16 15.45 37.39 17.41
N LYS H 17 14.39 37.30 16.61
CA LYS H 17 14.54 37.36 15.15
C LYS H 17 15.20 38.65 14.71
N SER H 18 14.68 39.80 15.15
CA SER H 18 15.23 41.08 14.72
C SER H 18 16.58 41.34 15.37
N ALA H 19 16.75 40.96 16.64
CA ALA H 19 18.02 41.21 17.32
C ALA H 19 19.18 40.51 16.64
N LEU H 20 18.99 39.26 16.21
CA LEU H 20 20.05 38.55 15.49
C LEU H 20 20.40 39.27 14.20
N THR H 21 19.39 39.79 13.49
CA THR H 21 19.65 40.51 12.25
C THR H 21 20.38 41.82 12.52
N ILE H 22 20.02 42.49 13.63
CA ILE H 22 20.66 43.77 13.97
C ILE H 22 22.17 43.59 14.15
N GLN H 23 22.57 42.58 14.91
CA GLN H 23 23.99 42.39 15.20
C GLN H 23 24.78 42.01 13.95
N LEU H 24 24.17 41.22 13.05
CA LEU H 24 24.88 40.79 11.85
C LEU H 24 25.27 41.97 10.97
N ILE H 25 24.51 43.06 11.00
CA ILE H 25 24.73 44.19 10.12
C ILE H 25 25.34 45.38 10.86
N GLN H 26 24.83 45.71 12.05
CA GLN H 26 25.20 46.91 12.76
C GLN H 26 26.01 46.67 14.03
N ASN H 27 26.18 45.42 14.44
CA ASN H 27 26.90 45.08 15.68
C ASN H 27 26.33 45.80 16.90
N TYR H 41 18.62 45.17 4.94
CA TYR H 41 19.49 44.24 5.66
C TYR H 41 20.43 43.50 4.72
N ARG H 42 21.53 44.15 4.37
CA ARG H 42 22.56 43.61 3.49
C ARG H 42 23.91 43.97 4.06
N LYS H 43 24.91 43.11 3.82
CA LYS H 43 26.22 43.31 4.45
C LYS H 43 27.42 42.92 3.60
N GLN H 44 27.24 42.15 2.53
CA GLN H 44 28.34 41.70 1.67
C GLN H 44 29.37 40.90 2.45
N VAL H 45 29.40 39.59 2.22
CA VAL H 45 30.22 38.69 3.02
C VAL H 45 31.16 37.92 2.10
N VAL H 46 32.29 37.51 2.67
CA VAL H 46 33.27 36.68 1.96
C VAL H 46 33.21 35.30 2.59
N ILE H 47 32.47 34.40 1.96
CA ILE H 47 32.31 33.02 2.42
C ILE H 47 32.87 32.11 1.32
N ASP H 48 33.89 31.34 1.66
CA ASP H 48 34.55 30.42 0.74
C ASP H 48 35.04 31.15 -0.51
N GLY H 49 35.49 32.39 -0.35
CA GLY H 49 36.04 33.15 -1.46
C GLY H 49 35.03 33.60 -2.49
N GLU H 50 33.77 33.81 -2.09
CA GLU H 50 32.72 34.26 -3.00
C GLU H 50 32.15 35.58 -2.50
N THR H 51 32.16 36.58 -3.36
CA THR H 51 31.59 37.88 -3.02
C THR H 51 30.08 37.80 -3.14
N CYS H 52 29.40 37.89 -2.00
CA CYS H 52 27.94 37.79 -1.97
C CYS H 52 27.41 38.62 -0.80
N LEU H 53 26.16 39.03 -0.93
CA LEU H 53 25.46 39.80 0.10
C LEU H 53 24.34 38.96 0.69
N LEU H 54 24.12 39.12 2.00
CA LEU H 54 23.06 38.41 2.71
C LEU H 54 21.89 39.37 2.86
N ASP H 55 20.80 39.08 2.14
CA ASP H 55 19.61 39.93 2.11
C ASP H 55 18.55 39.31 3.03
N ILE H 56 18.45 39.82 4.25
CA ILE H 56 17.44 39.33 5.18
C ILE H 56 16.08 39.86 4.74
N LEU H 57 15.12 38.96 4.56
CA LEU H 57 13.84 39.33 3.96
C LEU H 57 12.77 39.73 4.97
N ASP H 58 12.71 39.10 6.14
CA ASP H 58 11.71 39.50 7.12
C ASP H 58 12.11 39.03 8.51
N THR H 59 12.02 39.95 9.48
CA THR H 59 12.25 39.65 10.89
C THR H 59 10.96 39.47 11.68
N ALA H 60 9.85 40.04 11.18
CA ALA H 60 8.58 40.04 11.89
C ALA H 60 8.13 38.63 12.25
N GLY H 61 7.22 38.57 13.22
CA GLY H 61 6.71 37.33 13.75
C GLY H 61 5.20 37.21 13.73
N GLN H 62 4.52 38.30 13.34
CA GLN H 62 3.06 38.30 13.29
C GLN H 62 2.54 37.25 12.32
N GLU H 63 1.41 36.66 12.67
CA GLU H 63 0.80 35.59 11.89
C GLU H 63 -0.08 36.17 10.79
N GLU H 64 0.25 35.86 9.54
CA GLU H 64 -0.53 36.32 8.39
C GLU H 64 -0.49 35.22 7.34
N TYR H 65 -1.63 34.61 7.06
CA TYR H 65 -1.74 33.54 6.09
C TYR H 65 -2.49 34.05 4.85
N SER H 66 -1.85 34.96 4.13
CA SER H 66 -2.35 35.49 2.88
C SER H 66 -1.45 35.06 1.73
N ALA H 67 -1.97 35.18 0.51
CA ALA H 67 -1.16 34.89 -0.66
C ALA H 67 -0.05 35.91 -0.84
N MET H 68 -0.24 37.12 -0.33
CA MET H 68 0.81 38.13 -0.41
C MET H 68 1.99 37.78 0.48
N ARG H 69 1.73 37.26 1.68
CA ARG H 69 2.82 36.83 2.55
C ARG H 69 3.42 35.50 2.09
N ASP H 70 2.57 34.59 1.59
CA ASP H 70 3.08 33.31 1.10
C ASP H 70 4.02 33.49 -0.08
N GLN H 71 3.72 34.43 -0.97
CA GLN H 71 4.61 34.70 -2.10
C GLN H 71 5.91 35.34 -1.63
N TYR H 72 5.83 36.21 -0.62
CA TYR H 72 7.04 36.86 -0.12
C TYR H 72 7.99 35.84 0.51
N MET H 73 7.45 34.88 1.25
CA MET H 73 8.29 33.84 1.83
C MET H 73 8.82 32.90 0.77
N ARG H 74 8.08 32.70 -0.32
CA ARG H 74 8.53 31.83 -1.40
C ARG H 74 9.78 32.36 -2.10
N THR H 75 10.06 33.66 -1.99
CA THR H 75 11.24 34.21 -2.63
C THR H 75 12.51 33.83 -1.87
N GLY H 76 12.40 33.58 -0.57
CA GLY H 76 13.58 33.24 0.22
C GLY H 76 14.15 31.89 -0.18
N GLU H 77 15.48 31.81 -0.18
CA GLU H 77 16.19 30.58 -0.51
C GLU H 77 16.55 29.75 0.72
N GLY H 78 16.85 30.40 1.83
CA GLY H 78 17.13 29.70 3.07
C GLY H 78 16.38 30.31 4.22
N PHE H 79 16.00 29.46 5.17
CA PHE H 79 15.17 29.87 6.29
C PHE H 79 15.87 29.52 7.59
N LEU H 80 15.96 30.49 8.49
CA LEU H 80 16.58 30.31 9.80
C LEU H 80 15.49 30.24 10.86
N CYS H 81 15.25 29.03 11.39
CA CYS H 81 14.25 28.81 12.42
C CYS H 81 14.85 29.03 13.81
N VAL H 82 14.34 30.02 14.53
CA VAL H 82 14.90 30.46 15.79
C VAL H 82 13.94 30.10 16.92
N PHE H 83 14.51 29.81 18.09
CA PHE H 83 13.73 29.58 19.30
C PHE H 83 14.53 30.09 20.49
N ALA H 84 13.82 30.54 21.52
CA ALA H 84 14.45 31.04 22.73
C ALA H 84 14.65 29.90 23.71
N ILE H 85 15.84 29.83 24.31
CA ILE H 85 16.16 28.74 25.24
C ILE H 85 15.41 28.88 26.56
N ASN H 86 14.88 30.08 26.86
CA ASN H 86 14.14 30.30 28.09
C ASN H 86 12.63 30.19 27.90
N ASN H 87 12.17 29.97 26.68
CA ASN H 87 10.74 29.87 26.38
C ASN H 87 10.47 28.51 25.76
N THR H 88 9.83 27.62 26.55
CA THR H 88 9.55 26.28 26.06
C THR H 88 8.56 26.28 24.90
N LYS H 89 7.65 27.26 24.86
CA LYS H 89 6.67 27.32 23.79
C LYS H 89 7.33 27.64 22.45
N SER H 90 8.37 28.48 22.45
CA SER H 90 9.05 28.82 21.22
C SER H 90 9.75 27.61 20.60
N PHE H 91 10.12 26.63 21.43
CA PHE H 91 10.77 25.43 20.91
C PHE H 91 9.75 24.45 20.31
N GLU H 92 8.59 24.31 20.96
CA GLU H 92 7.57 23.39 20.46
C GLU H 92 7.04 23.82 19.09
N ASP H 93 6.94 25.15 18.88
CA ASP H 93 6.38 25.66 17.63
C ASP H 93 7.33 25.53 16.45
N ILE H 94 8.58 25.10 16.66
CA ILE H 94 9.54 25.01 15.57
C ILE H 94 9.05 24.05 14.49
N HIS H 95 8.39 22.96 14.90
CA HIS H 95 7.84 22.01 13.94
C HIS H 95 6.82 22.67 13.03
N HIS H 96 5.93 23.50 13.58
CA HIS H 96 4.92 24.16 12.77
C HIS H 96 5.56 25.11 11.76
N TYR H 97 6.63 25.80 12.17
CA TYR H 97 7.31 26.71 11.25
C TYR H 97 7.96 25.96 10.10
N ARG H 98 8.48 24.76 10.37
CA ARG H 98 9.08 23.96 9.31
C ARG H 98 8.03 23.47 8.33
N GLU H 99 6.83 23.14 8.82
CA GLU H 99 5.78 22.65 7.95
C GLU H 99 5.25 23.76 7.04
N GLN H 100 5.14 24.99 7.57
CA GLN H 100 4.71 26.11 6.74
C GLN H 100 5.77 26.47 5.71
N ILE H 101 7.04 26.21 6.00
CA ILE H 101 8.09 26.41 5.02
C ILE H 101 7.97 25.38 3.91
N LYS H 102 7.71 24.13 4.27
CA LYS H 102 7.54 23.08 3.27
C LYS H 102 6.30 23.33 2.41
N ARG H 103 5.29 23.99 2.96
CA ARG H 103 4.08 24.27 2.19
C ARG H 103 4.34 25.30 1.10
N VAL H 104 5.06 26.37 1.43
CA VAL H 104 5.28 27.45 0.48
C VAL H 104 6.37 27.09 -0.52
N LYS H 105 7.41 26.39 -0.08
CA LYS H 105 8.49 26.00 -0.99
C LYS H 105 8.10 24.87 -1.92
N ASP H 106 6.94 24.24 -1.71
CA ASP H 106 6.49 23.11 -2.53
C ASP H 106 7.55 22.02 -2.56
N SER H 107 8.23 21.85 -1.43
CA SER H 107 9.29 20.86 -1.29
C SER H 107 9.30 20.38 0.16
N GLU H 108 10.11 19.36 0.41
CA GLU H 108 10.26 18.81 1.76
C GLU H 108 11.60 19.08 2.40
N ASP H 109 12.66 19.29 1.61
CA ASP H 109 13.98 19.59 2.13
C ASP H 109 14.36 21.01 1.68
N VAL H 110 13.90 22.00 2.44
CA VAL H 110 14.21 23.40 2.17
C VAL H 110 15.46 23.75 2.97
N PRO H 111 16.36 24.56 2.40
CA PRO H 111 17.56 24.97 3.17
C PRO H 111 17.17 25.63 4.48
N MET H 112 17.58 25.00 5.58
CA MET H 112 17.08 25.36 6.90
C MET H 112 18.18 25.14 7.93
N VAL H 113 18.17 25.97 8.97
CA VAL H 113 19.11 25.86 10.09
C VAL H 113 18.38 26.23 11.37
N LEU H 114 18.42 25.34 12.36
CA LEU H 114 17.83 25.62 13.66
C LEU H 114 18.81 26.42 14.52
N VAL H 115 18.29 27.41 15.23
CA VAL H 115 19.10 28.32 16.04
C VAL H 115 18.48 28.46 17.41
N GLY H 116 19.29 28.24 18.45
CA GLY H 116 18.86 28.50 19.81
C GLY H 116 19.40 29.82 20.31
N ASN H 117 18.55 30.84 20.34
CA ASN H 117 18.96 32.20 20.66
C ASN H 117 18.84 32.46 22.16
N LYS H 118 19.40 33.60 22.59
CA LYS H 118 19.33 34.08 23.97
C LYS H 118 20.08 33.16 24.92
N CYS H 119 21.10 32.46 24.42
CA CYS H 119 21.91 31.59 25.26
C CYS H 119 22.70 32.35 26.32
N ASP H 120 22.73 33.69 26.24
CA ASP H 120 23.39 34.50 27.26
C ASP H 120 22.59 34.58 28.55
N LEU H 121 21.44 33.87 28.66
CA LEU H 121 20.52 33.84 29.78
C LEU H 121 20.80 32.65 30.68
N PRO H 122 20.55 32.80 31.99
CA PRO H 122 20.74 31.68 32.92
C PRO H 122 19.52 30.81 33.12
N SER H 123 18.41 31.07 32.41
CA SER H 123 17.19 30.30 32.58
C SER H 123 16.93 29.42 31.37
N ARG H 124 17.95 28.67 30.94
CA ARG H 124 17.80 27.78 29.80
C ARG H 124 16.81 26.66 30.13
N THR H 125 15.82 26.48 29.26
CA THR H 125 14.81 25.44 29.44
C THR H 125 14.85 24.36 28.39
N VAL H 126 15.74 24.48 27.41
CA VAL H 126 15.90 23.49 26.34
C VAL H 126 17.33 22.99 26.38
N ASP H 127 17.50 21.68 26.56
CA ASP H 127 18.84 21.11 26.57
C ASP H 127 19.45 21.18 25.18
N THR H 128 20.75 21.49 25.11
CA THR H 128 21.42 21.58 23.83
C THR H 128 21.46 20.23 23.13
N LYS H 129 21.52 19.13 23.89
CA LYS H 129 21.40 17.81 23.28
C LYS H 129 19.99 17.57 22.77
N GLN H 130 18.99 18.07 23.50
CA GLN H 130 17.61 17.97 23.04
C GLN H 130 17.39 18.76 21.76
N ALA H 131 17.98 19.95 21.67
CA ALA H 131 17.89 20.74 20.45
C ALA H 131 18.70 20.11 19.32
N GLN H 132 19.88 19.57 19.65
CA GLN H 132 20.66 18.86 18.65
C GLN H 132 19.93 17.61 18.17
N ASP H 133 19.24 16.92 19.07
CA ASP H 133 18.45 15.76 18.67
C ASP H 133 17.30 16.16 17.75
N LEU H 134 16.64 17.29 18.06
CA LEU H 134 15.59 17.79 17.17
C LEU H 134 16.16 18.16 15.81
N ALA H 135 17.38 18.71 15.79
CA ALA H 135 18.01 19.08 14.52
C ALA H 135 18.32 17.85 13.68
N ARG H 136 18.75 16.75 14.33
CA ARG H 136 19.06 15.52 13.60
C ARG H 136 17.81 14.94 12.95
N SER H 137 16.65 15.08 13.59
CA SER H 137 15.42 14.54 13.01
C SER H 137 15.06 15.24 11.71
N TYR H 138 15.22 16.56 11.65
CA TYR H 138 14.92 17.32 10.45
C TYR H 138 16.07 17.32 9.45
N GLY H 139 17.22 16.76 9.79
CA GLY H 139 18.36 16.76 8.90
C GLY H 139 18.95 18.13 8.64
N ILE H 140 18.83 19.05 9.60
CA ILE H 140 19.36 20.39 9.47
C ILE H 140 20.30 20.68 10.64
N PRO H 141 21.32 21.50 10.47
CA PRO H 141 22.24 21.78 11.57
C PRO H 141 21.60 22.62 12.67
N PHE H 142 22.24 22.60 13.83
CA PHE H 142 21.83 23.39 14.98
C PHE H 142 23.00 24.24 15.46
N ILE H 143 22.68 25.46 15.90
CA ILE H 143 23.69 26.41 16.37
C ILE H 143 23.13 27.15 17.58
N GLU H 144 23.96 27.27 18.62
CA GLU H 144 23.61 28.03 19.80
C GLU H 144 24.18 29.44 19.65
N THR H 145 23.31 30.44 19.70
CA THR H 145 23.71 31.82 19.41
C THR H 145 23.20 32.76 20.48
N SER H 146 23.77 33.97 20.48
CA SER H 146 23.32 35.05 21.37
C SER H 146 23.64 36.36 20.67
N ALA H 147 22.59 37.07 20.24
CA ALA H 147 22.78 38.30 19.49
C ALA H 147 23.42 39.39 20.34
N LYS H 148 23.14 39.42 21.65
CA LYS H 148 23.75 40.41 22.52
C LYS H 148 25.27 40.25 22.55
N THR H 149 25.74 39.01 22.69
CA THR H 149 27.16 38.72 22.76
C THR H 149 27.77 38.45 21.37
N ARG H 150 26.96 38.45 20.32
CA ARG H 150 27.37 38.13 18.95
C ARG H 150 27.96 36.73 18.84
N GLN H 151 27.75 35.89 19.84
CA GLN H 151 28.27 34.52 19.80
C GLN H 151 27.50 33.70 18.78
N GLY H 152 28.22 33.10 17.84
CA GLY H 152 27.62 32.23 16.85
C GLY H 152 26.71 32.91 15.85
N VAL H 153 26.60 34.24 15.88
CA VAL H 153 25.72 34.93 14.93
C VAL H 153 26.25 34.79 13.51
N ASP H 154 27.55 35.03 13.32
CA ASP H 154 28.15 34.85 12.01
C ASP H 154 28.19 33.37 11.63
N ASP H 155 28.44 32.50 12.61
CA ASP H 155 28.44 31.07 12.35
C ASP H 155 27.05 30.56 11.95
N ALA H 156 25.99 31.19 12.45
CA ALA H 156 24.64 30.73 12.17
C ALA H 156 24.25 31.03 10.72
N PHE H 157 24.33 32.29 10.33
CA PHE H 157 23.89 32.68 8.98
C PHE H 157 24.79 32.09 7.91
N TYR H 158 26.11 32.06 8.15
CA TYR H 158 27.03 31.51 7.17
C TYR H 158 26.77 30.02 6.95
N THR H 159 26.42 29.30 8.01
CA THR H 159 26.10 27.88 7.87
C THR H 159 24.89 27.68 6.97
N LEU H 160 23.90 28.56 7.10
CA LEU H 160 22.75 28.53 6.20
C LEU H 160 23.15 28.85 4.76
N VAL H 161 24.12 29.76 4.59
CA VAL H 161 24.57 30.13 3.26
C VAL H 161 25.13 28.92 2.52
N ARG H 162 25.90 28.08 3.22
CA ARG H 162 26.42 26.86 2.61
C ARG H 162 25.32 25.84 2.32
N GLU H 163 24.18 25.93 3.00
CA GLU H 163 23.09 25.01 2.70
C GLU H 163 22.48 25.29 1.34
N ILE H 164 22.42 26.56 0.94
CA ILE H 164 21.93 26.92 -0.39
C ILE H 164 22.90 26.44 -1.46
N ARG H 165 24.21 26.52 -1.19
CA ARG H 165 25.19 26.06 -2.15
C ARG H 165 25.13 24.54 -2.31
N LYS H 166 25.02 23.81 -1.20
CA LYS H 166 24.84 22.37 -1.28
C LYS H 166 23.53 22.01 -1.97
N HIS H 167 22.49 22.83 -1.75
CA HIS H 167 21.22 22.61 -2.43
C HIS H 167 21.35 22.77 -3.93
N LYS H 168 22.05 23.80 -4.38
CA LYS H 168 22.25 24.04 -5.80
C LYS H 168 23.32 23.12 -6.38
#